data_5DV5
#
_entry.id   5DV5
#
_cell.length_a   52.780
_cell.length_b   88.480
_cell.length_c   61.650
_cell.angle_alpha   90.00
_cell.angle_beta   93.13
_cell.angle_gamma   90.00
#
_symmetry.space_group_name_H-M   'P 1 21 1'
#
loop_
_entity.id
_entity.type
_entity.pdbx_description
1 polymer 'GntR family transcriptional regulator'
2 non-polymer Palmitoyl-CoA
3 water water
#
_entity_poly.entity_id   1
_entity_poly.type   'polypeptide(L)'
_entity_poly.pdbx_seq_one_letter_code
;MGSSHHHHHHSSGLVPRGSHMMVIKAKSPAGFAEKYIIESIWNGRFPPGSILPAERELSELIGVTRTTLREVLQRLARDG
WLTIQHGKPTKVNQFMETSGLHILDTLMTLDVDNATNIVEDLLAARTNISPIFMRYAFKANKENSERTIKNVIESCEALM
NAASWDDFIASSPYAEKVLQNVKEDNEKDEAKRQEILIAKTFNFYDYMLFQRLAFHSGNQIYGLIFNGLKKLYDRVGSYY
FSNPASRELALKFYHQLLETCESGQREQLPVVIRHYGMESALIWNEMKKQLPTNFTEDDS
;
_entity_poly.pdbx_strand_id   A,B
#
loop_
_chem_comp.id
_chem_comp.type
_chem_comp.name
_chem_comp.formula
PKZ non-polymer Palmitoyl-CoA 'C37 H66 N7 O17 P3 S'
#
# COMPACT_ATOMS: atom_id res chain seq x y z
N LYS A 27 1.46 28.85 16.48
CA LYS A 27 1.84 29.34 15.15
C LYS A 27 3.35 29.21 14.95
N SER A 28 3.74 28.31 14.06
CA SER A 28 5.15 28.00 13.83
C SER A 28 5.54 28.14 12.36
N PRO A 29 6.28 29.22 12.04
CA PRO A 29 6.78 29.48 10.68
C PRO A 29 7.78 28.42 10.21
N ALA A 30 8.61 27.95 11.12
CA ALA A 30 9.58 26.90 10.79
C ALA A 30 8.87 25.59 10.46
N GLY A 31 7.87 25.26 11.28
CA GLY A 31 7.07 24.08 11.06
C GLY A 31 6.29 24.15 9.76
N PHE A 32 5.87 25.36 9.39
CA PHE A 32 5.12 25.58 8.15
C PHE A 32 5.99 25.36 6.91
N ALA A 33 7.21 25.90 6.95
CA ALA A 33 8.14 25.75 5.84
C ALA A 33 8.45 24.28 5.57
N GLU A 34 8.68 23.53 6.64
CA GLU A 34 8.92 22.09 6.55
C GLU A 34 7.72 21.37 5.95
N LYS A 35 6.54 21.73 6.43
CA LYS A 35 5.29 21.16 5.94
C LYS A 35 5.07 21.47 4.46
N TYR A 36 5.37 22.71 4.06
CA TYR A 36 5.18 23.12 2.67
C TYR A 36 6.09 22.31 1.75
N ILE A 37 7.36 22.20 2.13
CA ILE A 37 8.34 21.50 1.33
C ILE A 37 7.98 20.02 1.20
N ILE A 38 7.68 19.38 2.33
CA ILE A 38 7.33 17.96 2.36
C ILE A 38 6.10 17.67 1.49
N GLU A 39 5.06 18.48 1.64
CA GLU A 39 3.83 18.29 0.87
C GLU A 39 4.02 18.64 -0.60
N SER A 40 4.94 19.55 -0.88
CA SER A 40 5.26 19.92 -2.26
C SER A 40 5.97 18.79 -2.98
N ILE A 41 6.81 18.06 -2.26
CA ILE A 41 7.43 16.86 -2.80
C ILE A 41 6.35 15.81 -3.05
N TRP A 42 5.45 15.67 -2.09
CA TRP A 42 4.34 14.72 -2.15
C TRP A 42 3.43 14.92 -3.38
N ASN A 43 3.01 16.16 -3.62
CA ASN A 43 2.06 16.43 -4.69
C ASN A 43 2.69 16.66 -6.07
N GLY A 44 4.01 16.58 -6.16
CA GLY A 44 4.68 16.63 -7.44
C GLY A 44 5.23 17.97 -7.87
N ARG A 45 4.96 19.01 -7.09
CA ARG A 45 5.54 20.33 -7.37
C ARG A 45 7.06 20.25 -7.33
N PHE A 46 7.58 19.58 -6.31
CA PHE A 46 9.01 19.29 -6.26
C PHE A 46 9.24 17.80 -6.48
N PRO A 47 9.31 17.38 -7.74
CA PRO A 47 9.46 15.96 -8.08
C PRO A 47 10.75 15.36 -7.53
N PRO A 48 10.73 14.07 -7.19
CA PRO A 48 11.81 13.33 -6.52
C PRO A 48 13.19 13.51 -7.15
N GLY A 49 13.26 13.92 -8.41
CA GLY A 49 14.54 14.13 -9.06
C GLY A 49 14.97 15.60 -9.09
N SER A 50 14.00 16.49 -8.96
CA SER A 50 14.16 17.91 -9.25
C SER A 50 15.17 18.67 -8.38
N ILE A 51 15.52 19.87 -8.84
CA ILE A 51 16.30 20.83 -8.06
C ILE A 51 15.38 21.79 -7.31
N LEU A 52 15.54 21.87 -5.99
CA LEU A 52 14.79 22.83 -5.19
C LEU A 52 15.13 24.25 -5.62
N PRO A 53 14.14 25.15 -5.59
CA PRO A 53 14.42 26.57 -5.81
C PRO A 53 15.47 27.08 -4.84
N ALA A 54 16.29 28.03 -5.28
CA ALA A 54 17.35 28.58 -4.43
C ALA A 54 16.79 29.12 -3.12
N GLU A 55 17.60 29.06 -2.07
CA GLU A 55 17.16 29.39 -0.71
C GLU A 55 16.45 30.74 -0.59
N ARG A 56 16.96 31.76 -1.28
CA ARG A 56 16.34 33.08 -1.22
C ARG A 56 14.94 33.06 -1.82
N GLU A 57 14.82 32.52 -3.03
CA GLU A 57 13.52 32.48 -3.72
C GLU A 57 12.56 31.51 -3.06
N LEU A 58 13.09 30.38 -2.59
CA LEU A 58 12.28 29.39 -1.89
C LEU A 58 11.78 30.04 -0.60
N SER A 59 12.60 30.91 -0.02
CA SER A 59 12.23 31.64 1.18
C SER A 59 11.13 32.67 0.92
N GLU A 60 11.29 33.45 -0.16
CA GLU A 60 10.25 34.40 -0.56
C GLU A 60 8.97 33.63 -0.86
N LEU A 61 9.16 32.49 -1.49
CA LEU A 61 8.09 31.62 -1.94
C LEU A 61 7.21 31.16 -0.77
N ILE A 62 7.83 30.48 0.20
CA ILE A 62 7.10 29.91 1.32
C ILE A 62 6.68 30.98 2.34
N GLY A 63 7.38 32.11 2.32
CA GLY A 63 7.04 33.23 3.18
C GLY A 63 7.61 33.10 4.59
N VAL A 64 8.80 32.53 4.69
CA VAL A 64 9.50 32.40 5.95
C VAL A 64 10.91 32.97 5.82
N THR A 65 11.52 33.35 6.93
CA THR A 65 12.87 33.93 6.88
C THR A 65 13.86 32.88 6.36
N ARG A 66 14.83 33.32 5.58
CA ARG A 66 15.74 32.39 4.92
C ARG A 66 16.65 31.66 5.90
N THR A 67 16.95 32.29 7.03
CA THR A 67 17.77 31.64 8.04
C THR A 67 16.99 30.52 8.70
N THR A 68 15.69 30.75 8.92
CA THR A 68 14.81 29.70 9.41
C THR A 68 14.69 28.59 8.38
N LEU A 69 14.51 28.98 7.12
CA LEU A 69 14.39 28.04 6.02
C LEU A 69 15.69 27.23 5.88
N ARG A 70 16.81 27.87 6.19
CA ARG A 70 18.12 27.24 6.05
C ARG A 70 18.34 26.08 7.01
N GLU A 71 17.74 26.17 8.19
CA GLU A 71 17.88 25.11 9.17
C GLU A 71 16.81 24.05 8.92
N VAL A 72 15.67 24.47 8.40
CA VAL A 72 14.61 23.55 8.01
C VAL A 72 15.07 22.64 6.87
N LEU A 73 15.82 23.21 5.94
CA LEU A 73 16.39 22.44 4.83
C LEU A 73 17.37 21.40 5.34
N GLN A 74 18.13 21.77 6.37
CA GLN A 74 19.12 20.86 6.94
C GLN A 74 18.48 19.72 7.72
N ARG A 75 17.40 20.02 8.43
CA ARG A 75 16.64 18.98 9.12
C ARG A 75 15.97 18.06 8.11
N LEU A 76 15.61 18.63 6.96
CA LEU A 76 14.87 17.90 5.94
C LEU A 76 15.80 16.95 5.19
N ALA A 77 17.07 17.33 5.14
CA ALA A 77 18.08 16.51 4.46
C ALA A 77 18.59 15.40 5.37
N ARG A 78 18.47 15.60 6.68
CA ARG A 78 18.81 14.56 7.65
C ARG A 78 17.70 13.52 7.73
N ASP A 79 16.47 13.97 7.55
CA ASP A 79 15.31 13.07 7.55
C ASP A 79 15.20 12.28 6.24
N GLY A 80 16.01 12.67 5.25
CA GLY A 80 16.10 11.93 4.01
C GLY A 80 15.25 12.44 2.86
N TRP A 81 14.78 13.68 2.96
CA TRP A 81 13.97 14.26 1.90
C TRP A 81 14.81 14.96 0.84
N LEU A 82 15.86 15.67 1.28
CA LEU A 82 16.66 16.49 0.38
C LEU A 82 18.11 16.06 0.27
N THR A 83 18.78 16.58 -0.76
CA THR A 83 20.22 16.40 -0.93
C THR A 83 20.89 17.76 -1.02
N ILE A 84 21.51 18.19 0.08
CA ILE A 84 22.18 19.49 0.13
C ILE A 84 23.69 19.38 -0.03
N GLN A 85 24.26 20.37 -0.71
CA GLN A 85 25.70 20.39 -0.96
C GLN A 85 26.19 21.83 -1.07
N HIS A 86 27.32 22.11 -0.45
CA HIS A 86 27.86 23.47 -0.40
C HIS A 86 28.23 23.97 -1.80
N GLY A 87 27.67 25.12 -2.16
CA GLY A 87 27.92 25.75 -3.45
C GLY A 87 27.24 24.98 -4.56
N LYS A 88 26.07 24.43 -4.25
CA LYS A 88 25.29 23.66 -5.21
C LYS A 88 23.80 23.71 -4.91
N PRO A 89 22.98 23.46 -5.94
CA PRO A 89 21.52 23.42 -5.80
C PRO A 89 21.06 22.26 -4.93
N THR A 90 20.17 22.55 -3.98
CA THR A 90 19.57 21.52 -3.16
C THR A 90 18.60 20.70 -4.02
N LYS A 91 18.65 19.38 -3.87
CA LYS A 91 17.84 18.52 -4.72
C LYS A 91 16.93 17.59 -3.90
N VAL A 92 15.81 17.19 -4.50
CA VAL A 92 14.91 16.23 -3.89
C VAL A 92 15.43 14.80 -4.10
N ASN A 93 15.16 13.94 -3.12
CA ASN A 93 15.60 12.54 -3.17
C ASN A 93 14.68 11.64 -3.99
N GLN A 94 15.20 10.51 -4.44
CA GLN A 94 14.49 9.65 -5.40
C GLN A 94 13.41 8.75 -4.78
N PHE A 95 13.61 8.33 -3.54
CA PHE A 95 12.64 7.49 -2.83
C PHE A 95 12.37 6.15 -3.52
N MET A 96 11.51 6.14 -4.55
CA MET A 96 11.17 4.89 -5.25
C MET A 96 12.37 4.10 -5.74
N GLU A 97 12.62 2.97 -5.07
CA GLU A 97 13.64 1.98 -5.45
C GLU A 97 14.97 2.53 -5.97
N THR A 98 15.04 3.82 -6.29
CA THR A 98 16.29 4.43 -6.74
C THR A 98 17.32 4.35 -5.64
N SER A 99 16.95 4.83 -4.47
CA SER A 99 17.77 4.67 -3.27
C SER A 99 17.58 3.26 -2.78
N GLY A 100 16.50 2.64 -3.26
CA GLY A 100 16.15 1.29 -2.89
C GLY A 100 15.51 1.23 -1.51
N LEU A 101 14.23 0.89 -1.48
CA LEU A 101 13.48 0.77 -0.23
C LEU A 101 13.58 2.03 0.61
N HIS A 102 13.30 3.18 0.00
CA HIS A 102 13.49 4.48 0.65
C HIS A 102 12.21 5.10 1.20
N ILE A 103 11.07 4.47 0.93
CA ILE A 103 9.80 5.01 1.36
C ILE A 103 9.62 4.91 2.87
N LEU A 104 10.60 4.29 3.54
CA LEU A 104 10.50 4.01 4.96
C LEU A 104 11.37 4.94 5.80
N ASP A 105 12.49 5.38 5.24
CA ASP A 105 13.37 6.31 5.94
C ASP A 105 12.69 7.66 6.16
N THR A 106 11.85 8.04 5.19
CA THR A 106 11.08 9.27 5.30
C THR A 106 9.78 9.09 6.09
N LEU A 107 9.16 7.93 5.92
CA LEU A 107 7.87 7.63 6.54
C LEU A 107 7.88 7.71 8.07
N MET A 108 9.04 7.42 8.67
CA MET A 108 9.18 7.42 10.11
C MET A 108 9.15 8.83 10.72
N THR A 109 9.37 9.83 9.88
CA THR A 109 9.48 11.21 10.37
C THR A 109 8.17 11.98 10.21
N LEU A 110 7.20 11.37 9.55
CA LEU A 110 5.91 12.01 9.30
C LEU A 110 5.05 12.07 10.57
N ASP A 111 4.46 13.23 10.82
CA ASP A 111 3.50 13.38 11.90
C ASP A 111 2.39 14.35 11.46
N VAL A 112 1.44 14.61 12.35
CA VAL A 112 0.28 15.44 12.01
C VAL A 112 0.68 16.88 11.70
N ASP A 113 1.79 17.33 12.28
CA ASP A 113 2.25 18.70 12.10
C ASP A 113 2.92 18.96 10.75
N ASN A 114 3.75 18.03 10.29
CA ASN A 114 4.59 18.29 9.13
C ASN A 114 4.09 17.63 7.84
N ALA A 115 3.05 16.80 7.96
CA ALA A 115 2.54 16.07 6.81
C ALA A 115 1.02 15.94 6.86
N THR A 116 0.36 17.02 7.23
CA THR A 116 -1.08 17.04 7.41
C THR A 116 -1.83 16.54 6.18
N ASN A 117 -1.40 17.00 5.00
CA ASN A 117 -2.05 16.60 3.76
C ASN A 117 -1.78 15.14 3.39
N ILE A 118 -0.57 14.67 3.68
CA ILE A 118 -0.24 13.27 3.46
C ILE A 118 -1.10 12.37 4.33
N VAL A 119 -1.38 12.82 5.55
CA VAL A 119 -2.17 12.05 6.49
C VAL A 119 -3.64 12.03 6.08
N GLU A 120 -4.12 13.17 5.58
CA GLU A 120 -5.49 13.27 5.12
C GLU A 120 -5.72 12.42 3.88
N ASP A 121 -4.69 12.27 3.05
CA ASP A 121 -4.77 11.38 1.89
C ASP A 121 -4.91 9.93 2.35
N LEU A 122 -4.12 9.56 3.35
CA LEU A 122 -4.17 8.23 3.95
C LEU A 122 -5.53 7.96 4.59
N LEU A 123 -6.09 8.98 5.24
CA LEU A 123 -7.40 8.85 5.89
C LEU A 123 -8.52 8.65 4.87
N ALA A 124 -8.48 9.42 3.78
CA ALA A 124 -9.43 9.27 2.70
C ALA A 124 -9.38 7.86 2.10
N ALA A 125 -8.16 7.39 1.82
CA ALA A 125 -7.95 6.06 1.27
C ALA A 125 -8.49 4.98 2.19
N ARG A 126 -8.27 5.17 3.49
CA ARG A 126 -8.77 4.27 4.52
C ARG A 126 -10.30 4.18 4.47
N THR A 127 -10.95 5.32 4.24
CA THR A 127 -12.40 5.36 4.11
C THR A 127 -12.87 4.68 2.82
N ASN A 128 -12.12 4.90 1.74
CA ASN A 128 -12.46 4.33 0.44
C ASN A 128 -12.37 2.81 0.40
N ILE A 129 -11.34 2.27 1.05
CA ILE A 129 -11.00 0.86 0.91
C ILE A 129 -11.61 -0.02 2.00
N SER A 130 -11.92 0.58 3.15
CA SER A 130 -12.50 -0.17 4.27
C SER A 130 -13.77 -0.95 3.90
N PRO A 131 -14.67 -0.33 3.11
CA PRO A 131 -15.88 -1.05 2.69
C PRO A 131 -15.54 -2.30 1.88
N ILE A 132 -14.40 -2.29 1.20
CA ILE A 132 -13.98 -3.41 0.37
C ILE A 132 -13.58 -4.63 1.20
N PHE A 133 -12.60 -4.46 2.08
CA PHE A 133 -12.08 -5.60 2.83
C PHE A 133 -12.97 -5.98 4.02
N MET A 134 -13.82 -5.06 4.45
CA MET A 134 -14.78 -5.37 5.52
C MET A 134 -15.95 -6.15 4.95
N ARG A 135 -16.23 -5.93 3.67
CA ARG A 135 -17.28 -6.67 2.97
C ARG A 135 -16.89 -8.14 2.83
N TYR A 136 -15.66 -8.38 2.36
CA TYR A 136 -15.12 -9.73 2.27
C TYR A 136 -15.13 -10.43 3.63
N ALA A 137 -14.84 -9.66 4.67
CA ALA A 137 -14.72 -10.22 6.01
C ALA A 137 -16.08 -10.58 6.58
N PHE A 138 -17.09 -9.77 6.29
CA PHE A 138 -18.43 -10.02 6.81
C PHE A 138 -19.10 -11.18 6.09
N LYS A 139 -18.67 -11.45 4.87
CA LYS A 139 -19.29 -12.50 4.06
C LYS A 139 -18.60 -13.85 4.26
N ALA A 140 -17.27 -13.82 4.33
CA ALA A 140 -16.50 -15.05 4.44
C ALA A 140 -16.12 -15.35 5.89
N ASN A 141 -16.15 -14.32 6.73
CA ASN A 141 -15.81 -14.47 8.14
C ASN A 141 -16.80 -13.78 9.05
N LYS A 142 -18.09 -14.07 8.86
CA LYS A 142 -19.16 -13.40 9.60
C LYS A 142 -18.97 -13.52 11.12
N GLU A 143 -18.68 -14.73 11.58
CA GLU A 143 -18.49 -15.00 12.99
C GLU A 143 -17.26 -14.29 13.56
N ASN A 144 -16.11 -14.50 12.93
CA ASN A 144 -14.86 -13.88 13.39
C ASN A 144 -14.92 -12.37 13.31
N SER A 145 -15.62 -11.84 12.31
CA SER A 145 -15.79 -10.40 12.17
C SER A 145 -16.57 -9.83 13.37
N GLU A 146 -17.69 -10.46 13.69
CA GLU A 146 -18.52 -10.03 14.82
C GLU A 146 -17.76 -10.16 16.13
N ARG A 147 -17.02 -11.27 16.27
CA ARG A 147 -16.19 -11.50 17.45
C ARG A 147 -15.13 -10.41 17.60
N THR A 148 -14.48 -10.07 16.49
CA THR A 148 -13.48 -9.01 16.49
C THR A 148 -14.09 -7.69 16.91
N ILE A 149 -15.21 -7.35 16.28
CA ILE A 149 -15.89 -6.09 16.56
C ILE A 149 -16.42 -6.05 18.00
N LYS A 150 -16.93 -7.18 18.48
CA LYS A 150 -17.38 -7.28 19.86
C LYS A 150 -16.22 -7.09 20.82
N ASN A 151 -15.08 -7.68 20.50
CA ASN A 151 -13.91 -7.60 21.34
C ASN A 151 -13.41 -6.16 21.48
N VAL A 152 -13.45 -5.43 20.36
CA VAL A 152 -13.02 -4.03 20.34
C VAL A 152 -13.99 -3.13 21.11
N ILE A 153 -15.28 -3.32 20.88
CA ILE A 153 -16.31 -2.52 21.54
C ILE A 153 -16.28 -2.66 23.06
N GLU A 154 -16.12 -3.89 23.54
CA GLU A 154 -16.10 -4.16 24.97
C GLU A 154 -14.92 -3.50 25.65
N SER A 155 -13.74 -3.60 25.03
CA SER A 155 -12.54 -2.99 25.60
C SER A 155 -12.65 -1.46 25.64
N CYS A 156 -13.08 -0.88 24.53
CA CYS A 156 -13.24 0.57 24.46
C CYS A 156 -14.25 1.07 25.48
N GLU A 157 -15.35 0.33 25.63
CA GLU A 157 -16.39 0.70 26.58
C GLU A 157 -15.90 0.50 28.01
N ALA A 158 -14.94 -0.42 28.19
CA ALA A 158 -14.31 -0.61 29.49
C ALA A 158 -13.23 0.45 29.72
N LEU A 159 -12.61 0.92 28.64
CA LEU A 159 -11.61 1.98 28.74
C LEU A 159 -12.30 3.25 29.21
N MET A 160 -13.35 3.64 28.50
CA MET A 160 -14.29 4.63 29.00
C MET A 160 -15.04 3.96 30.15
N ASN A 161 -15.84 4.71 30.89
CA ASN A 161 -16.53 4.17 32.07
C ASN A 161 -15.56 3.85 33.21
N ALA A 162 -14.31 3.55 32.87
CA ALA A 162 -13.28 3.27 33.87
C ALA A 162 -12.95 4.53 34.65
N ALA A 163 -12.57 4.37 35.90
CA ALA A 163 -12.24 5.50 36.76
C ALA A 163 -10.96 6.21 36.31
N SER A 164 -10.02 5.43 35.78
CA SER A 164 -8.77 5.96 35.24
C SER A 164 -8.15 4.93 34.31
N TRP A 165 -7.04 5.30 33.68
CA TRP A 165 -6.32 4.35 32.83
C TRP A 165 -5.83 3.16 33.64
N ASP A 166 -5.33 3.43 34.84
CA ASP A 166 -4.85 2.38 35.74
C ASP A 166 -5.99 1.41 36.07
N ASP A 167 -7.19 1.96 36.25
CA ASP A 167 -8.36 1.15 36.56
C ASP A 167 -8.72 0.21 35.42
N PHE A 168 -8.63 0.71 34.18
CA PHE A 168 -8.88 -0.11 33.00
C PHE A 168 -7.86 -1.24 32.93
N ILE A 169 -6.59 -0.90 33.14
CA ILE A 169 -5.51 -1.88 33.09
C ILE A 169 -5.62 -2.91 34.21
N ALA A 170 -6.09 -2.48 35.37
CA ALA A 170 -6.25 -3.39 36.52
C ALA A 170 -7.30 -4.44 36.21
N SER A 171 -8.37 -4.01 35.55
CA SER A 171 -9.31 -4.94 34.94
C SER A 171 -8.75 -5.35 33.58
N SER A 172 -9.60 -5.85 32.69
CA SER A 172 -9.16 -6.24 31.36
C SER A 172 -8.27 -7.48 31.39
N PRO A 173 -8.72 -8.55 30.71
CA PRO A 173 -7.98 -9.81 30.59
C PRO A 173 -6.67 -9.67 29.82
N TYR A 174 -6.42 -8.49 29.25
CA TYR A 174 -5.25 -8.30 28.40
C TYR A 174 -4.35 -7.17 28.93
N ALA A 175 -4.25 -7.09 30.25
CA ALA A 175 -3.44 -6.06 30.90
C ALA A 175 -1.98 -6.09 30.45
N GLU A 176 -1.43 -7.29 30.29
CA GLU A 176 -0.06 -7.44 29.83
C GLU A 176 0.13 -6.92 28.41
N LYS A 177 -0.77 -7.32 27.52
CA LYS A 177 -0.66 -6.96 26.11
C LYS A 177 -0.71 -5.45 25.89
N VAL A 178 -1.55 -4.77 26.67
CA VAL A 178 -1.73 -3.34 26.52
C VAL A 178 -0.56 -2.56 27.09
N LEU A 179 -0.02 -3.03 28.21
CA LEU A 179 1.14 -2.40 28.81
C LEU A 179 2.37 -2.56 27.93
N GLN A 180 2.38 -3.60 27.12
CA GLN A 180 3.45 -3.83 26.16
C GLN A 180 3.38 -2.82 25.00
N ASN A 181 2.16 -2.41 24.66
CA ASN A 181 1.94 -1.62 23.46
C ASN A 181 1.55 -0.17 23.75
N VAL A 182 1.18 0.12 24.99
CA VAL A 182 0.75 1.45 25.36
C VAL A 182 1.62 1.99 26.50
N LYS A 183 2.33 3.07 26.21
CA LYS A 183 3.30 3.62 27.16
C LYS A 183 3.42 5.12 26.99
N GLU A 184 3.62 5.84 28.08
CA GLU A 184 3.95 7.26 28.01
C GLU A 184 5.42 7.49 28.35
N ASP A 185 5.77 7.37 29.63
CA ASP A 185 7.16 7.40 30.05
C ASP A 185 7.84 8.74 29.74
N ASN A 186 7.04 9.78 29.54
CA ASN A 186 7.58 11.09 29.18
C ASN A 186 6.88 12.26 29.87
N GLU A 187 5.55 12.22 29.88
CA GLU A 187 4.75 13.25 30.54
C GLU A 187 4.79 13.07 32.05
N LYS A 188 5.07 14.14 32.78
CA LYS A 188 5.29 14.05 34.21
C LYS A 188 4.06 14.46 35.01
N ASP A 189 3.18 15.26 34.42
CA ASP A 189 1.90 15.54 35.04
C ASP A 189 1.02 14.30 35.00
N GLU A 190 0.68 13.78 36.17
CA GLU A 190 -0.11 12.56 36.27
C GLU A 190 -1.46 12.70 35.56
N ALA A 191 -2.06 13.87 35.66
CA ALA A 191 -3.34 14.13 35.01
C ALA A 191 -3.20 14.12 33.49
N LYS A 192 -2.08 14.65 33.01
CA LYS A 192 -1.85 14.77 31.56
C LYS A 192 -1.40 13.45 30.97
N ARG A 193 -0.56 12.73 31.71
CA ARG A 193 -0.10 11.40 31.29
C ARG A 193 -1.25 10.41 31.25
N GLN A 194 -2.19 10.56 32.18
CA GLN A 194 -3.35 9.69 32.26
C GLN A 194 -4.22 9.86 31.02
N GLU A 195 -4.37 11.11 30.59
CA GLU A 195 -5.17 11.43 29.41
C GLU A 195 -4.52 10.90 28.13
N ILE A 196 -3.19 11.05 28.04
CA ILE A 196 -2.43 10.57 26.90
C ILE A 196 -2.56 9.05 26.75
N LEU A 197 -2.53 8.35 27.88
CA LEU A 197 -2.62 6.89 27.88
C LEU A 197 -3.99 6.43 27.40
N ILE A 198 -5.03 7.16 27.81
CA ILE A 198 -6.38 6.88 27.35
C ILE A 198 -6.51 7.04 25.84
N ALA A 199 -5.91 8.10 25.30
CA ALA A 199 -5.95 8.34 23.86
C ALA A 199 -5.21 7.24 23.11
N LYS A 200 -4.03 6.88 23.59
CA LYS A 200 -3.21 5.84 22.97
C LYS A 200 -3.91 4.48 23.06
N THR A 201 -4.60 4.26 24.18
CA THR A 201 -5.31 3.01 24.39
C THR A 201 -6.50 2.86 23.45
N PHE A 202 -7.25 3.94 23.23
CA PHE A 202 -8.39 3.90 22.31
C PHE A 202 -7.90 3.67 20.89
N ASN A 203 -6.81 4.34 20.52
CA ASN A 203 -6.19 4.15 19.23
C ASN A 203 -5.76 2.70 19.03
N PHE A 204 -5.21 2.12 20.09
CA PHE A 204 -4.81 0.72 20.10
C PHE A 204 -5.93 -0.19 19.61
N TYR A 205 -7.15 0.12 20.03
CA TYR A 205 -8.31 -0.72 19.68
C TYR A 205 -8.94 -0.31 18.35
N ASP A 206 -8.81 0.96 17.99
CA ASP A 206 -9.23 1.41 16.66
C ASP A 206 -8.39 0.71 15.59
N TYR A 207 -7.08 0.69 15.81
CA TYR A 207 -6.17 -0.01 14.91
C TYR A 207 -6.51 -1.50 14.81
N MET A 208 -6.76 -2.11 15.95
CA MET A 208 -7.13 -3.52 16.02
C MET A 208 -8.34 -3.85 15.15
N LEU A 209 -9.39 -3.04 15.26
CA LEU A 209 -10.60 -3.24 14.47
C LEU A 209 -10.35 -3.23 12.97
N PHE A 210 -9.68 -2.19 12.49
CA PHE A 210 -9.39 -2.07 11.06
C PHE A 210 -8.39 -3.11 10.57
N GLN A 211 -7.31 -3.32 11.33
CA GLN A 211 -6.25 -4.22 10.91
C GLN A 211 -6.68 -5.68 10.90
N ARG A 212 -7.42 -6.08 11.93
CA ARG A 212 -7.82 -7.48 12.06
C ARG A 212 -8.93 -7.85 11.08
N LEU A 213 -9.86 -6.93 10.84
CA LEU A 213 -10.90 -7.15 9.84
C LEU A 213 -10.29 -7.16 8.44
N ALA A 214 -9.18 -6.43 8.29
CA ALA A 214 -8.47 -6.39 7.01
C ALA A 214 -7.83 -7.74 6.72
N PHE A 215 -7.27 -8.37 7.75
CA PHE A 215 -6.67 -9.69 7.59
C PHE A 215 -7.74 -10.77 7.49
N HIS A 216 -8.95 -10.45 7.97
CA HIS A 216 -10.07 -11.38 7.88
C HIS A 216 -10.77 -11.27 6.54
N SER A 217 -10.29 -10.38 5.69
CA SER A 217 -10.85 -10.19 4.35
C SER A 217 -10.52 -11.36 3.44
N GLY A 218 -9.42 -12.05 3.74
CA GLY A 218 -8.96 -13.13 2.90
C GLY A 218 -7.83 -12.65 2.01
N ASN A 219 -7.71 -11.32 1.93
CA ASN A 219 -6.66 -10.69 1.13
C ASN A 219 -5.64 -10.05 2.06
N GLN A 220 -4.50 -10.71 2.22
CA GLN A 220 -3.48 -10.29 3.19
C GLN A 220 -2.97 -8.88 2.97
N ILE A 221 -3.11 -8.38 1.73
CA ILE A 221 -2.54 -7.10 1.35
C ILE A 221 -3.18 -5.94 2.14
N TYR A 222 -4.47 -6.06 2.43
CA TYR A 222 -5.19 -5.04 3.19
C TYR A 222 -4.71 -4.98 4.64
N GLY A 223 -4.48 -6.15 5.22
CA GLY A 223 -3.98 -6.22 6.58
C GLY A 223 -2.55 -5.71 6.64
N LEU A 224 -1.80 -5.98 5.59
CA LEU A 224 -0.39 -5.64 5.53
C LEU A 224 -0.18 -4.13 5.42
N ILE A 225 -1.11 -3.45 4.75
CA ILE A 225 -1.06 -2.00 4.62
C ILE A 225 -1.08 -1.32 5.98
N PHE A 226 -1.97 -1.76 6.86
CA PHE A 226 -2.05 -1.22 8.21
C PHE A 226 -0.78 -1.50 9.01
N ASN A 227 -0.27 -2.73 8.89
CA ASN A 227 0.98 -3.10 9.54
C ASN A 227 2.12 -2.16 9.16
N GLY A 228 2.24 -1.87 7.86
CA GLY A 228 3.29 -1.01 7.36
C GLY A 228 3.21 0.43 7.81
N LEU A 229 2.01 0.87 8.18
CA LEU A 229 1.78 2.26 8.52
C LEU A 229 1.42 2.43 9.99
N LYS A 230 1.72 1.41 10.79
CA LYS A 230 1.28 1.39 12.19
C LYS A 230 1.89 2.52 13.02
N LYS A 231 3.15 2.85 12.74
CA LYS A 231 3.85 3.87 13.51
C LYS A 231 3.19 5.23 13.30
N LEU A 232 2.89 5.55 12.05
CA LEU A 232 2.20 6.80 11.72
C LEU A 232 0.76 6.75 12.24
N TYR A 233 0.12 5.60 12.04
CA TYR A 233 -1.22 5.35 12.56
C TYR A 233 -1.29 5.70 14.04
N ASP A 234 -0.31 5.24 14.79
CA ASP A 234 -0.25 5.49 16.23
C ASP A 234 -0.03 6.97 16.56
N ARG A 235 0.84 7.62 15.80
CA ARG A 235 1.09 9.06 16.00
C ARG A 235 -0.19 9.87 15.80
N VAL A 236 -0.87 9.60 14.69
CA VAL A 236 -2.09 10.33 14.34
C VAL A 236 -3.24 9.97 15.27
N GLY A 237 -3.36 8.68 15.57
CA GLY A 237 -4.44 8.19 16.39
C GLY A 237 -4.42 8.69 17.83
N SER A 238 -3.24 8.70 18.44
CA SER A 238 -3.10 9.18 19.81
C SER A 238 -3.43 10.66 19.89
N TYR A 239 -3.21 11.35 18.77
CA TYR A 239 -3.55 12.77 18.65
C TYR A 239 -5.05 12.95 18.46
N TYR A 240 -5.61 12.16 17.54
CA TYR A 240 -7.03 12.26 17.21
C TYR A 240 -7.92 11.82 18.37
N PHE A 241 -7.55 10.73 19.03
CA PHE A 241 -8.37 10.16 20.11
C PHE A 241 -8.03 10.77 21.46
N SER A 242 -7.31 11.89 21.47
CA SER A 242 -7.12 12.65 22.69
C SER A 242 -8.35 13.51 22.91
N ASN A 243 -9.18 13.59 21.86
CA ASN A 243 -10.46 14.27 21.94
C ASN A 243 -11.56 13.28 22.32
N PRO A 244 -12.26 13.56 23.43
CA PRO A 244 -13.33 12.66 23.93
C PRO A 244 -14.41 12.41 22.89
N ALA A 245 -14.76 13.42 22.11
CA ALA A 245 -15.78 13.29 21.09
C ALA A 245 -15.36 12.29 20.01
N SER A 246 -14.06 12.26 19.71
CA SER A 246 -13.51 11.32 18.74
C SER A 246 -13.74 9.88 19.20
N ARG A 247 -13.53 9.65 20.49
CA ARG A 247 -13.72 8.34 21.09
C ARG A 247 -15.21 8.00 21.14
N GLU A 248 -16.01 8.99 21.51
CA GLU A 248 -17.47 8.83 21.53
C GLU A 248 -17.99 8.46 20.14
N LEU A 249 -17.51 9.18 19.13
CA LEU A 249 -17.91 8.96 17.74
C LEU A 249 -17.53 7.58 17.23
N ALA A 250 -16.27 7.20 17.48
CA ALA A 250 -15.74 5.92 17.01
C ALA A 250 -16.52 4.75 17.59
N LEU A 251 -16.78 4.80 18.89
CA LEU A 251 -17.53 3.76 19.58
C LEU A 251 -18.91 3.56 18.97
N LYS A 252 -19.59 4.66 18.67
CA LYS A 252 -20.89 4.59 18.01
C LYS A 252 -20.76 3.94 16.64
N PHE A 253 -19.66 4.23 15.96
CA PHE A 253 -19.38 3.66 14.64
C PHE A 253 -19.10 2.15 14.72
N TYR A 254 -18.39 1.74 15.76
CA TYR A 254 -18.12 0.32 15.98
C TYR A 254 -19.41 -0.47 16.14
N HIS A 255 -20.34 0.07 16.92
CA HIS A 255 -21.65 -0.56 17.11
C HIS A 255 -22.39 -0.74 15.80
N GLN A 256 -22.42 0.31 14.98
CA GLN A 256 -23.06 0.25 13.68
C GLN A 256 -22.44 -0.82 12.77
N LEU A 257 -21.12 -0.97 12.87
CA LEU A 257 -20.42 -2.02 12.12
C LEU A 257 -20.91 -3.40 12.57
N LEU A 258 -21.03 -3.57 13.88
CA LEU A 258 -21.52 -4.83 14.45
C LEU A 258 -22.92 -5.13 13.92
N GLU A 259 -23.80 -4.13 14.02
CA GLU A 259 -25.19 -4.29 13.56
C GLU A 259 -25.26 -4.54 12.05
N THR A 260 -24.35 -3.94 11.30
CA THR A 260 -24.31 -4.12 9.86
C THR A 260 -23.90 -5.55 9.52
N CYS A 261 -22.99 -6.09 10.34
CA CYS A 261 -22.48 -7.44 10.14
C CYS A 261 -23.52 -8.50 10.53
N GLU A 262 -24.13 -8.33 11.70
CA GLU A 262 -25.09 -9.30 12.22
C GLU A 262 -26.36 -9.34 11.40
N SER A 263 -26.71 -8.21 10.80
CA SER A 263 -27.89 -8.12 9.93
C SER A 263 -27.61 -8.64 8.53
N GLY A 264 -26.33 -8.87 8.24
CA GLY A 264 -25.91 -9.35 6.94
C GLY A 264 -26.08 -8.35 5.82
N GLN A 265 -26.31 -7.09 6.17
CA GLN A 265 -26.52 -6.04 5.17
C GLN A 265 -25.21 -5.41 4.71
N ARG A 266 -24.50 -6.13 3.85
CA ARG A 266 -23.24 -5.70 3.25
C ARG A 266 -23.35 -4.37 2.51
N GLU A 267 -24.36 -4.24 1.65
CA GLU A 267 -24.51 -3.07 0.79
C GLU A 267 -24.54 -1.75 1.57
N GLN A 268 -24.90 -1.83 2.85
CA GLN A 268 -24.98 -0.66 3.71
C GLN A 268 -23.61 -0.26 4.21
N LEU A 269 -22.65 -1.17 4.09
CA LEU A 269 -21.30 -0.98 4.62
C LEU A 269 -20.63 0.32 4.13
N PRO A 270 -20.66 0.56 2.80
CA PRO A 270 -20.04 1.79 2.28
C PRO A 270 -20.73 3.06 2.76
N VAL A 271 -22.01 2.98 3.09
CA VAL A 271 -22.74 4.12 3.61
C VAL A 271 -22.36 4.41 5.05
N VAL A 272 -22.40 3.38 5.88
CA VAL A 272 -21.99 3.48 7.28
C VAL A 272 -20.57 4.03 7.41
N ILE A 273 -19.66 3.50 6.59
CA ILE A 273 -18.26 3.90 6.64
C ILE A 273 -18.04 5.32 6.12
N ARG A 274 -18.72 5.69 5.04
CA ARG A 274 -18.59 7.04 4.50
C ARG A 274 -19.22 8.08 5.43
N HIS A 275 -20.30 7.68 6.12
CA HIS A 275 -20.91 8.56 7.11
C HIS A 275 -19.93 8.86 8.23
N TYR A 276 -19.32 7.81 8.79
CA TYR A 276 -18.32 7.96 9.83
C TYR A 276 -17.13 8.76 9.34
N GLY A 277 -16.77 8.56 8.07
CA GLY A 277 -15.71 9.32 7.45
C GLY A 277 -16.05 10.79 7.42
N MET A 278 -17.33 11.09 7.22
CA MET A 278 -17.82 12.46 7.21
C MET A 278 -17.77 13.09 8.60
N GLU A 279 -18.31 12.40 9.59
CA GLU A 279 -18.39 12.93 10.95
C GLU A 279 -17.02 13.05 11.60
N SER A 280 -16.17 12.03 11.39
CA SER A 280 -14.82 12.09 11.92
C SER A 280 -14.00 13.17 11.22
N ALA A 281 -14.38 13.47 9.97
CA ALA A 281 -13.72 14.53 9.22
C ALA A 281 -13.93 15.90 9.86
N LEU A 282 -15.15 16.20 10.27
CA LEU A 282 -15.45 17.51 10.85
C LEU A 282 -14.82 17.66 12.24
N ILE A 283 -14.70 16.56 12.98
CA ILE A 283 -13.95 16.57 14.22
C ILE A 283 -12.48 16.83 13.90
N TRP A 284 -11.99 16.13 12.88
CA TRP A 284 -10.63 16.31 12.40
C TRP A 284 -10.36 17.75 12.00
N ASN A 285 -11.33 18.35 11.29
CA ASN A 285 -11.18 19.71 10.79
C ASN A 285 -11.23 20.75 11.90
N GLU A 286 -12.04 20.49 12.92
CA GLU A 286 -12.08 21.35 14.10
C GLU A 286 -10.76 21.27 14.84
N MET A 287 -10.22 20.05 14.96
CA MET A 287 -8.94 19.85 15.62
C MET A 287 -7.77 20.34 14.78
N LYS A 288 -8.01 20.57 13.49
CA LYS A 288 -6.95 21.04 12.61
C LYS A 288 -6.56 22.47 13.00
N LYS A 289 -7.53 23.24 13.48
CA LYS A 289 -7.23 24.49 14.15
C LYS A 289 -6.39 24.15 15.38
N GLN A 290 -5.46 25.04 15.74
CA GLN A 290 -4.58 24.88 16.89
C GLN A 290 -3.33 24.08 16.55
N LEU A 291 -3.30 23.44 15.38
CA LEU A 291 -2.05 22.88 14.89
C LEU A 291 -1.08 24.01 14.63
N PRO A 292 0.16 23.88 15.14
CA PRO A 292 1.14 24.97 15.05
C PRO A 292 1.52 25.31 13.61
N THR A 293 1.28 24.38 12.69
CA THR A 293 1.53 24.61 11.27
C THR A 293 0.23 24.95 10.54
N LYS B 27 7.46 -29.78 -12.24
CA LYS B 27 8.71 -29.55 -12.98
C LYS B 27 9.87 -29.29 -12.01
N SER B 28 9.63 -28.45 -11.01
CA SER B 28 10.68 -28.07 -10.07
C SER B 28 10.28 -28.32 -8.63
N PRO B 29 10.84 -29.39 -8.02
CA PRO B 29 10.60 -29.70 -6.61
C PRO B 29 11.14 -28.61 -5.70
N ALA B 30 12.29 -28.05 -6.06
CA ALA B 30 12.89 -26.96 -5.30
C ALA B 30 12.02 -25.72 -5.38
N GLY B 31 11.53 -25.43 -6.58
CA GLY B 31 10.64 -24.30 -6.78
C GLY B 31 9.32 -24.44 -6.05
N PHE B 32 8.82 -25.66 -5.95
CA PHE B 32 7.56 -25.92 -5.24
C PHE B 32 7.72 -25.71 -3.74
N ALA B 33 8.82 -26.21 -3.18
CA ALA B 33 9.09 -26.06 -1.76
C ALA B 33 9.19 -24.58 -1.37
N GLU B 34 9.91 -23.81 -2.19
CA GLU B 34 10.05 -22.37 -1.95
C GLU B 34 8.69 -21.68 -2.00
N LYS B 35 7.90 -22.04 -3.00
CA LYS B 35 6.56 -21.50 -3.16
C LYS B 35 5.64 -21.82 -1.97
N TYR B 36 5.71 -23.06 -1.47
CA TYR B 36 4.87 -23.46 -0.34
C TYR B 36 5.19 -22.69 0.94
N ILE B 37 6.47 -22.61 1.27
CA ILE B 37 6.90 -21.94 2.50
C ILE B 37 6.52 -20.46 2.45
N ILE B 38 6.84 -19.82 1.34
CA ILE B 38 6.52 -18.40 1.14
C ILE B 38 5.02 -18.15 1.29
N GLU B 39 4.21 -18.98 0.64
CA GLU B 39 2.77 -18.83 0.72
C GLU B 39 2.23 -19.19 2.09
N SER B 40 2.91 -20.11 2.78
CA SER B 40 2.53 -20.48 4.14
C SER B 40 2.80 -19.35 5.12
N ILE B 41 3.89 -18.64 4.90
CA ILE B 41 4.21 -17.44 5.68
C ILE B 41 3.20 -16.35 5.38
N TRP B 42 2.90 -16.18 4.09
CA TRP B 42 1.98 -15.15 3.63
C TRP B 42 0.58 -15.27 4.21
N ASN B 43 0.01 -16.48 4.19
CA ASN B 43 -1.36 -16.66 4.67
C ASN B 43 -1.47 -16.91 6.17
N GLY B 44 -0.33 -16.90 6.86
CA GLY B 44 -0.34 -16.95 8.31
C GLY B 44 -0.10 -18.31 8.95
N ARG B 45 0.00 -19.37 8.15
CA ARG B 45 0.33 -20.68 8.69
C ARG B 45 1.70 -20.66 9.37
N PHE B 46 2.67 -20.03 8.72
CA PHE B 46 3.96 -19.77 9.34
C PHE B 46 4.06 -18.28 9.64
N PRO B 47 3.51 -17.85 10.79
CA PRO B 47 3.44 -16.44 11.16
C PRO B 47 4.81 -15.81 11.29
N PRO B 48 4.92 -14.51 10.99
CA PRO B 48 6.16 -13.74 10.92
C PRO B 48 7.09 -13.89 12.13
N GLY B 49 6.55 -14.25 13.29
CA GLY B 49 7.39 -14.40 14.46
C GLY B 49 7.80 -15.84 14.75
N SER B 50 7.04 -16.79 14.20
CA SER B 50 7.12 -18.18 14.59
C SER B 50 8.44 -18.86 14.28
N ILE B 51 8.63 -20.04 14.89
CA ILE B 51 9.72 -20.94 14.58
C ILE B 51 9.27 -21.94 13.53
N LEU B 52 10.01 -22.04 12.44
CA LEU B 52 9.69 -23.01 11.39
C LEU B 52 9.67 -24.43 11.93
N PRO B 53 8.76 -25.27 11.41
CA PRO B 53 8.73 -26.70 11.71
C PRO B 53 10.09 -27.33 11.44
N ALA B 54 10.47 -28.34 12.22
CA ALA B 54 11.78 -28.97 12.06
C ALA B 54 12.01 -29.42 10.62
N GLU B 55 13.26 -29.36 10.19
CA GLU B 55 13.63 -29.66 8.80
C GLU B 55 13.11 -31.03 8.37
N ARG B 56 13.17 -31.99 9.30
CA ARG B 56 12.66 -33.32 9.05
C ARG B 56 11.15 -33.31 8.79
N GLU B 57 10.43 -32.66 9.69
CA GLU B 57 8.98 -32.59 9.60
C GLU B 57 8.56 -31.72 8.42
N LEU B 58 9.32 -30.65 8.20
CA LEU B 58 9.09 -29.74 7.09
C LEU B 58 9.33 -30.42 5.74
N SER B 59 10.32 -31.30 5.69
CA SER B 59 10.62 -32.05 4.47
C SER B 59 9.53 -33.07 4.17
N GLU B 60 9.12 -33.78 5.21
CA GLU B 60 8.03 -34.75 5.12
C GLU B 60 6.75 -34.05 4.69
N LEU B 61 6.54 -32.86 5.23
CA LEU B 61 5.33 -32.07 4.98
C LEU B 61 5.15 -31.70 3.51
N ILE B 62 6.13 -30.97 2.96
CA ILE B 62 6.02 -30.46 1.60
C ILE B 62 6.22 -31.54 0.53
N GLY B 63 6.86 -32.65 0.90
CA GLY B 63 7.02 -33.76 -0.02
C GLY B 63 8.21 -33.61 -0.97
N VAL B 64 9.29 -33.04 -0.47
CA VAL B 64 10.51 -32.88 -1.26
C VAL B 64 11.71 -33.48 -0.54
N THR B 65 12.76 -33.77 -1.30
CA THR B 65 13.96 -34.37 -0.73
C THR B 65 14.58 -33.45 0.32
N ARG B 66 15.16 -34.04 1.35
CA ARG B 66 15.64 -33.28 2.50
C ARG B 66 16.78 -32.34 2.13
N THR B 67 17.58 -32.72 1.14
CA THR B 67 18.67 -31.89 0.68
C THR B 67 18.15 -30.68 -0.10
N THR B 68 17.09 -30.90 -0.87
CA THR B 68 16.44 -29.82 -1.61
C THR B 68 15.84 -28.77 -0.68
N LEU B 69 15.17 -29.23 0.38
CA LEU B 69 14.58 -28.34 1.37
C LEU B 69 15.60 -27.50 2.11
N ARG B 70 16.76 -28.09 2.37
CA ARG B 70 17.76 -27.46 3.21
C ARG B 70 18.40 -26.25 2.51
N GLU B 71 18.48 -26.31 1.18
CA GLU B 71 19.04 -25.21 0.40
C GLU B 71 17.96 -24.19 0.06
N VAL B 72 16.72 -24.65 -0.04
CA VAL B 72 15.59 -23.76 -0.25
C VAL B 72 15.43 -22.82 0.92
N LEU B 73 15.69 -23.33 2.12
CA LEU B 73 15.64 -22.53 3.32
C LEU B 73 16.72 -21.44 3.29
N GLN B 74 17.88 -21.77 2.74
CA GLN B 74 18.97 -20.79 2.67
C GLN B 74 18.71 -19.70 1.64
N ARG B 75 18.14 -20.04 0.48
CA ARG B 75 17.79 -18.99 -0.47
C ARG B 75 16.66 -18.15 0.12
N LEU B 76 15.83 -18.79 0.93
CA LEU B 76 14.64 -18.13 1.48
C LEU B 76 15.05 -17.16 2.58
N ALA B 77 16.17 -17.45 3.23
CA ALA B 77 16.68 -16.57 4.28
C ALA B 77 17.46 -15.41 3.69
N ARG B 78 17.99 -15.60 2.48
CA ARG B 78 18.65 -14.52 1.75
C ARG B 78 17.63 -13.61 1.11
N ASP B 79 16.49 -14.18 0.71
CA ASP B 79 15.43 -13.38 0.12
C ASP B 79 14.71 -12.59 1.22
N GLY B 80 15.02 -12.92 2.47
CA GLY B 80 14.50 -12.16 3.60
C GLY B 80 13.25 -12.72 4.24
N TRP B 81 12.93 -13.97 3.96
CA TRP B 81 11.75 -14.59 4.55
C TRP B 81 12.05 -15.23 5.90
N LEU B 82 13.22 -15.86 6.00
CA LEU B 82 13.56 -16.63 7.19
C LEU B 82 14.75 -16.05 7.94
N THR B 83 14.94 -16.50 9.17
CA THR B 83 16.11 -16.13 9.96
C THR B 83 16.87 -17.39 10.36
N ILE B 84 17.96 -17.67 9.64
CA ILE B 84 18.77 -18.83 9.93
C ILE B 84 19.98 -18.42 10.75
N GLN B 85 20.35 -19.25 11.71
CA GLN B 85 21.45 -18.96 12.62
C GLN B 85 22.09 -20.22 13.18
N HIS B 86 23.41 -20.20 13.30
CA HIS B 86 24.15 -21.36 13.79
C HIS B 86 23.72 -21.73 15.21
N GLY B 87 23.27 -22.98 15.37
CA GLY B 87 22.86 -23.48 16.67
C GLY B 87 21.55 -22.90 17.17
N LYS B 88 20.61 -22.66 16.28
CA LYS B 88 19.32 -22.09 16.65
C LYS B 88 18.23 -22.57 15.70
N PRO B 89 16.98 -22.64 16.18
CA PRO B 89 15.85 -23.02 15.33
C PRO B 89 15.57 -21.97 14.25
N THR B 90 15.34 -22.41 13.02
CA THR B 90 15.02 -21.48 11.95
C THR B 90 13.67 -20.82 12.22
N LYS B 91 13.62 -19.50 12.04
CA LYS B 91 12.44 -18.72 12.36
C LYS B 91 12.00 -17.90 11.15
N VAL B 92 10.71 -17.56 11.12
CA VAL B 92 10.20 -16.65 10.10
C VAL B 92 10.60 -15.24 10.51
N ASN B 93 10.84 -14.37 9.53
CA ASN B 93 11.30 -13.01 9.86
C ASN B 93 10.16 -12.11 10.32
N GLN B 94 10.50 -11.11 11.11
CA GLN B 94 9.52 -10.28 11.80
C GLN B 94 8.86 -9.22 10.92
N PHE B 95 9.62 -8.73 9.95
CA PHE B 95 9.13 -7.71 9.04
C PHE B 95 8.71 -6.47 9.80
N MET B 96 7.98 -5.59 9.13
CA MET B 96 7.50 -4.35 9.72
C MET B 96 8.67 -3.53 10.28
N GLU B 97 9.56 -3.10 9.38
CA GLU B 97 10.71 -2.24 9.69
C GLU B 97 11.57 -2.80 10.83
N THR B 98 11.34 -4.04 11.21
CA THR B 98 12.15 -4.69 12.24
C THR B 98 13.59 -4.83 11.75
N SER B 99 13.75 -5.45 10.59
CA SER B 99 15.05 -5.55 9.93
C SER B 99 15.38 -4.27 9.16
N GLY B 100 14.38 -3.43 8.92
CA GLY B 100 14.57 -2.22 8.15
C GLY B 100 14.61 -2.52 6.66
N LEU B 101 13.61 -2.02 5.94
CA LEU B 101 13.47 -2.31 4.52
C LEU B 101 13.46 -3.81 4.34
N HIS B 102 12.62 -4.48 5.14
CA HIS B 102 12.62 -5.92 5.21
C HIS B 102 11.48 -6.49 4.37
N ILE B 103 10.49 -5.66 4.10
CA ILE B 103 9.37 -6.05 3.24
C ILE B 103 9.70 -5.80 1.78
N LEU B 104 10.80 -5.09 1.53
CA LEU B 104 11.12 -4.63 0.19
C LEU B 104 12.27 -5.42 -0.41
N ASP B 105 13.20 -5.84 0.44
CA ASP B 105 14.31 -6.69 -0.01
C ASP B 105 13.75 -8.04 -0.39
N THR B 106 12.63 -8.40 0.24
CA THR B 106 11.92 -9.63 -0.08
C THR B 106 11.09 -9.41 -1.34
N LEU B 107 10.55 -8.20 -1.46
CA LEU B 107 9.73 -7.84 -2.61
C LEU B 107 10.51 -7.98 -3.91
N MET B 108 11.84 -7.81 -3.83
CA MET B 108 12.69 -7.90 -5.01
C MET B 108 12.79 -9.34 -5.50
N THR B 109 12.44 -10.28 -4.63
CA THR B 109 12.58 -11.70 -4.93
C THR B 109 11.26 -12.33 -5.35
N LEU B 110 10.18 -11.55 -5.26
CA LEU B 110 8.86 -12.06 -5.58
C LEU B 110 8.68 -12.25 -7.09
N ASP B 111 8.16 -13.40 -7.48
CA ASP B 111 7.83 -13.66 -8.88
C ASP B 111 6.56 -14.50 -8.99
N VAL B 112 6.12 -14.75 -10.22
CA VAL B 112 4.90 -15.50 -10.48
C VAL B 112 5.07 -16.97 -10.10
N ASP B 113 6.30 -17.45 -10.14
CA ASP B 113 6.60 -18.85 -9.87
C ASP B 113 6.58 -19.17 -8.37
N ASN B 114 7.17 -18.28 -7.58
CA ASN B 114 7.41 -18.55 -6.16
C ASN B 114 6.44 -17.84 -5.21
N ALA B 115 5.60 -16.97 -5.76
CA ALA B 115 4.68 -16.17 -4.94
C ALA B 115 3.34 -15.96 -5.64
N THR B 116 2.82 -17.02 -6.24
CA THR B 116 1.57 -16.95 -7.02
C THR B 116 0.41 -16.34 -6.24
N ASN B 117 0.26 -16.74 -4.98
CA ASN B 117 -0.84 -16.26 -4.15
C ASN B 117 -0.67 -14.79 -3.75
N ILE B 118 0.57 -14.38 -3.51
CA ILE B 118 0.85 -12.97 -3.23
C ILE B 118 0.48 -12.12 -4.44
N VAL B 119 0.74 -12.64 -5.63
CA VAL B 119 0.47 -11.91 -6.86
C VAL B 119 -1.02 -11.82 -7.13
N GLU B 120 -1.73 -12.91 -6.88
CA GLU B 120 -3.18 -12.95 -7.08
C GLU B 120 -3.92 -12.05 -6.10
N ASP B 121 -3.38 -11.93 -4.88
CA ASP B 121 -3.94 -11.01 -3.91
C ASP B 121 -3.77 -9.57 -4.38
N LEU B 122 -2.59 -9.25 -4.88
CA LEU B 122 -2.32 -7.92 -5.44
C LEU B 122 -3.21 -7.65 -6.65
N LEU B 123 -3.44 -8.69 -7.46
CA LEU B 123 -4.28 -8.58 -8.64
C LEU B 123 -5.74 -8.34 -8.24
N ALA B 124 -6.20 -9.08 -7.24
CA ALA B 124 -7.55 -8.88 -6.69
C ALA B 124 -7.71 -7.47 -6.14
N ALA B 125 -6.72 -7.03 -5.36
CA ALA B 125 -6.74 -5.70 -4.77
C ALA B 125 -6.78 -4.61 -5.86
N ARG B 126 -6.02 -4.86 -6.92
CA ARG B 126 -5.99 -3.95 -8.06
C ARG B 126 -7.37 -3.80 -8.70
N THR B 127 -8.11 -4.90 -8.77
CA THR B 127 -9.48 -4.89 -9.26
C THR B 127 -10.41 -4.18 -8.29
N ASN B 128 -10.20 -4.42 -6.99
CA ASN B 128 -11.04 -3.84 -5.95
C ASN B 128 -10.92 -2.32 -5.88
N ILE B 129 -9.70 -1.82 -6.03
CA ILE B 129 -9.38 -0.42 -5.76
C ILE B 129 -9.43 0.47 -7.02
N SER B 130 -9.24 -0.14 -8.18
CA SER B 130 -9.26 0.60 -9.45
C SER B 130 -10.54 1.41 -9.68
N PRO B 131 -11.70 0.85 -9.34
CA PRO B 131 -12.95 1.60 -9.48
C PRO B 131 -12.95 2.87 -8.63
N ILE B 132 -12.22 2.85 -7.52
CA ILE B 132 -12.14 3.99 -6.62
C ILE B 132 -11.37 5.17 -7.23
N PHE B 133 -10.11 4.95 -7.58
CA PHE B 133 -9.27 6.06 -8.05
C PHE B 133 -9.58 6.45 -9.49
N MET B 134 -10.20 5.55 -10.24
CA MET B 134 -10.60 5.86 -11.61
C MET B 134 -11.89 6.67 -11.60
N ARG B 135 -12.69 6.47 -10.56
CA ARG B 135 -13.91 7.25 -10.37
C ARG B 135 -13.53 8.70 -10.09
N TYR B 136 -12.60 8.89 -9.15
CA TYR B 136 -12.08 10.20 -8.83
C TYR B 136 -11.45 10.87 -10.05
N ALA B 137 -10.75 10.08 -10.86
CA ALA B 137 -9.99 10.61 -11.99
C ALA B 137 -10.90 11.05 -13.14
N PHE B 138 -11.96 10.29 -13.37
CA PHE B 138 -12.90 10.60 -14.44
C PHE B 138 -13.76 11.82 -14.07
N LYS B 139 -13.86 12.08 -12.78
CA LYS B 139 -14.74 13.14 -12.28
C LYS B 139 -14.02 14.49 -12.16
N ALA B 140 -12.77 14.46 -11.68
CA ALA B 140 -12.01 15.68 -11.49
C ALA B 140 -11.03 15.92 -12.63
N ASN B 141 -10.73 14.87 -13.38
CA ASN B 141 -9.79 14.96 -14.49
C ASN B 141 -10.34 14.29 -15.74
N LYS B 142 -11.56 14.66 -16.11
CA LYS B 142 -12.24 14.07 -17.26
C LYS B 142 -11.38 14.17 -18.52
N GLU B 143 -10.80 15.35 -18.73
CA GLU B 143 -9.93 15.60 -19.89
C GLU B 143 -8.68 14.74 -19.83
N ASN B 144 -7.96 14.80 -18.71
CA ASN B 144 -6.70 14.10 -18.55
C ASN B 144 -6.84 12.61 -18.61
N SER B 145 -7.96 12.11 -18.09
CA SER B 145 -8.24 10.67 -18.10
C SER B 145 -8.41 10.15 -19.52
N GLU B 146 -9.22 10.85 -20.30
CA GLU B 146 -9.49 10.49 -21.68
C GLU B 146 -8.22 10.53 -22.51
N ARG B 147 -7.39 11.54 -22.27
CA ARG B 147 -6.11 11.67 -22.97
C ARG B 147 -5.21 10.48 -22.67
N THR B 148 -5.14 10.09 -21.40
CA THR B 148 -4.33 8.97 -20.97
C THR B 148 -4.77 7.65 -21.63
N ILE B 149 -6.05 7.36 -21.55
CA ILE B 149 -6.60 6.11 -22.09
C ILE B 149 -6.49 6.07 -23.62
N LYS B 150 -6.72 7.21 -24.26
CA LYS B 150 -6.58 7.31 -25.71
C LYS B 150 -5.14 7.05 -26.13
N ASN B 151 -4.21 7.65 -25.39
CA ASN B 151 -2.80 7.52 -25.68
C ASN B 151 -2.32 6.08 -25.53
N VAL B 152 -2.83 5.39 -24.51
CA VAL B 152 -2.49 3.99 -24.28
C VAL B 152 -3.07 3.12 -25.39
N ILE B 153 -4.33 3.39 -25.74
CA ILE B 153 -5.02 2.63 -26.78
C ILE B 153 -4.32 2.76 -28.14
N GLU B 154 -3.94 3.98 -28.51
CA GLU B 154 -3.27 4.21 -29.79
C GLU B 154 -1.92 3.51 -29.84
N SER B 155 -1.15 3.64 -28.76
CA SER B 155 0.17 3.03 -28.66
C SER B 155 0.09 1.50 -28.71
N CYS B 156 -0.81 0.95 -27.92
CA CYS B 156 -1.02 -0.49 -27.87
C CYS B 156 -1.46 -1.02 -29.23
N GLU B 157 -2.37 -0.27 -29.86
CA GLU B 157 -2.90 -0.65 -31.17
C GLU B 157 -1.83 -0.52 -32.25
N ALA B 158 -0.88 0.39 -32.03
CA ALA B 158 0.27 0.54 -32.93
C ALA B 158 1.31 -0.54 -32.66
N LEU B 159 1.38 -1.00 -31.41
CA LEU B 159 2.29 -2.08 -31.03
C LEU B 159 1.87 -3.36 -31.73
N MET B 160 0.60 -3.72 -31.55
CA MET B 160 -0.05 -4.72 -32.37
C MET B 160 -0.23 -4.09 -33.77
N ASN B 161 -0.64 -4.85 -34.76
CA ASN B 161 -0.76 -4.33 -36.12
C ASN B 161 0.57 -4.04 -36.81
N ALA B 162 1.61 -3.76 -36.02
CA ALA B 162 2.94 -3.50 -36.58
C ALA B 162 3.54 -4.76 -37.20
N ALA B 163 4.34 -4.58 -38.24
CA ALA B 163 4.97 -5.69 -38.93
C ALA B 163 6.00 -6.36 -38.02
N SER B 164 6.61 -5.55 -37.16
CA SER B 164 7.56 -6.05 -36.16
C SER B 164 7.65 -5.06 -35.01
N TRP B 165 8.38 -5.44 -33.97
CA TRP B 165 8.59 -4.55 -32.83
C TRP B 165 9.40 -3.33 -33.24
N ASP B 166 10.42 -3.55 -34.06
CA ASP B 166 11.26 -2.48 -34.58
C ASP B 166 10.44 -1.47 -35.37
N ASP B 167 9.45 -1.97 -36.11
CA ASP B 167 8.57 -1.12 -36.90
C ASP B 167 7.75 -0.20 -35.99
N PHE B 168 7.28 -0.76 -34.88
CA PHE B 168 6.54 0.03 -33.89
C PHE B 168 7.44 1.11 -33.30
N ILE B 169 8.66 0.72 -32.94
CA ILE B 169 9.63 1.64 -32.36
C ILE B 169 10.03 2.72 -33.36
N ALA B 170 10.09 2.36 -34.64
CA ALA B 170 10.46 3.30 -35.69
C ALA B 170 9.41 4.39 -35.83
N SER B 171 8.13 3.99 -35.72
CA SER B 171 7.05 4.95 -35.56
C SER B 171 6.95 5.30 -34.08
N SER B 172 5.81 5.84 -33.67
CA SER B 172 5.60 6.21 -32.27
C SER B 172 6.45 7.41 -31.86
N PRO B 173 5.79 8.48 -31.41
CA PRO B 173 6.45 9.71 -30.95
C PRO B 173 7.32 9.50 -29.72
N TYR B 174 7.25 8.31 -29.13
CA TYR B 174 7.94 8.03 -27.88
C TYR B 174 8.93 6.87 -28.01
N ALA B 175 9.59 6.80 -29.16
CA ALA B 175 10.58 5.77 -29.42
C ALA B 175 11.68 5.79 -28.37
N GLU B 176 12.08 6.99 -27.96
CA GLU B 176 13.10 7.15 -26.94
C GLU B 176 12.63 6.59 -25.60
N LYS B 177 11.43 6.98 -25.19
CA LYS B 177 10.88 6.61 -23.89
C LYS B 177 10.69 5.09 -23.77
N VAL B 178 10.29 4.46 -24.86
CA VAL B 178 10.02 3.02 -24.85
C VAL B 178 11.31 2.20 -24.84
N LEU B 179 12.31 2.65 -25.60
CA LEU B 179 13.59 1.98 -25.64
C LEU B 179 14.33 2.08 -24.30
N GLN B 180 14.01 3.10 -23.53
CA GLN B 180 14.59 3.27 -22.21
C GLN B 180 14.06 2.21 -21.24
N ASN B 181 12.83 1.78 -21.47
CA ASN B 181 12.13 0.94 -20.50
C ASN B 181 11.88 -0.50 -20.96
N VAL B 182 12.09 -0.77 -22.25
CA VAL B 182 11.82 -2.10 -22.77
C VAL B 182 13.04 -2.70 -23.46
N LYS B 183 13.52 -3.81 -22.90
CA LYS B 183 14.74 -4.47 -23.36
C LYS B 183 14.67 -5.96 -23.11
N GLU B 184 15.21 -6.75 -24.02
CA GLU B 184 15.42 -8.17 -23.74
C GLU B 184 16.91 -8.42 -23.56
N ASP B 185 17.65 -8.42 -24.67
CA ASP B 185 19.10 -8.49 -24.64
C ASP B 185 19.61 -9.77 -23.99
N ASN B 186 18.76 -10.79 -23.99
CA ASN B 186 19.09 -12.07 -23.38
C ASN B 186 18.62 -13.21 -24.28
N GLU B 187 17.40 -13.09 -24.78
CA GLU B 187 16.89 -14.07 -25.73
C GLU B 187 17.51 -13.81 -27.09
N LYS B 188 18.10 -14.84 -27.69
CA LYS B 188 18.86 -14.69 -28.92
C LYS B 188 18.09 -15.19 -30.14
N ASP B 189 17.09 -16.04 -29.91
CA ASP B 189 16.20 -16.47 -30.97
C ASP B 189 15.36 -15.27 -31.42
N GLU B 190 15.50 -14.88 -32.69
CA GLU B 190 14.85 -13.69 -33.22
C GLU B 190 13.34 -13.67 -33.04
N ALA B 191 12.70 -14.81 -33.25
CA ALA B 191 11.25 -14.91 -33.12
C ALA B 191 10.81 -14.79 -31.67
N LYS B 192 11.61 -15.34 -30.76
CA LYS B 192 11.26 -15.40 -29.36
C LYS B 192 11.50 -14.06 -28.67
N ARG B 193 12.59 -13.40 -29.06
CA ARG B 193 12.91 -12.07 -28.54
C ARG B 193 11.83 -11.08 -28.97
N GLN B 194 11.28 -11.30 -30.16
CA GLN B 194 10.23 -10.46 -30.71
C GLN B 194 8.95 -10.54 -29.88
N GLU B 195 8.60 -11.76 -29.46
CA GLU B 195 7.41 -11.97 -28.66
C GLU B 195 7.59 -11.36 -27.26
N ILE B 196 8.76 -11.54 -26.69
CA ILE B 196 9.08 -10.98 -25.38
C ILE B 196 8.98 -9.45 -25.39
N LEU B 197 9.47 -8.83 -26.46
CA LEU B 197 9.46 -7.38 -26.58
C LEU B 197 8.03 -6.85 -26.73
N ILE B 198 7.21 -7.58 -27.48
CA ILE B 198 5.80 -7.25 -27.61
C ILE B 198 5.09 -7.31 -26.26
N ALA B 199 5.40 -8.34 -25.48
CA ALA B 199 4.80 -8.53 -24.16
C ALA B 199 5.20 -7.42 -23.19
N LYS B 200 6.49 -7.12 -23.13
CA LYS B 200 6.99 -6.08 -22.23
C LYS B 200 6.47 -4.70 -22.62
N THR B 201 6.35 -4.46 -23.92
CA THR B 201 5.87 -3.17 -24.40
C THR B 201 4.40 -2.95 -24.07
N PHE B 202 3.59 -4.00 -24.23
CA PHE B 202 2.17 -3.91 -23.90
C PHE B 202 1.96 -3.72 -22.40
N ASN B 203 2.73 -4.44 -21.60
CA ASN B 203 2.71 -4.28 -20.15
C ASN B 203 3.08 -2.85 -19.77
N PHE B 204 4.07 -2.31 -20.46
CA PHE B 204 4.51 -0.93 -20.29
C PHE B 204 3.36 0.06 -20.35
N TYR B 205 2.42 -0.19 -21.25
CA TYR B 205 1.27 0.71 -21.42
C TYR B 205 0.10 0.35 -20.51
N ASP B 206 -0.01 -0.92 -20.14
CA ASP B 206 -0.98 -1.32 -19.13
C ASP B 206 -0.64 -0.65 -17.80
N TYR B 207 0.63 -0.70 -17.44
CA TYR B 207 1.12 -0.04 -16.23
C TYR B 207 0.82 1.45 -16.28
N MET B 208 1.12 2.07 -17.42
CA MET B 208 0.89 3.50 -17.63
C MET B 208 -0.57 3.88 -17.38
N LEU B 209 -1.48 3.11 -17.97
CA LEU B 209 -2.92 3.36 -17.81
C LEU B 209 -3.37 3.35 -16.35
N PHE B 210 -3.04 2.29 -15.62
CA PHE B 210 -3.43 2.19 -14.22
C PHE B 210 -2.69 3.18 -13.32
N GLN B 211 -1.39 3.31 -13.51
CA GLN B 211 -0.58 4.17 -12.66
C GLN B 211 -0.88 5.65 -12.86
N ARG B 212 -1.05 6.05 -14.11
CA ARG B 212 -1.27 7.46 -14.44
C ARG B 212 -2.68 7.90 -14.07
N LEU B 213 -3.66 7.00 -14.25
CA LEU B 213 -5.03 7.28 -13.82
C LEU B 213 -5.10 7.31 -12.30
N ALA B 214 -4.19 6.58 -11.66
CA ALA B 214 -4.10 6.56 -10.20
C ALA B 214 -3.63 7.91 -9.67
N PHE B 215 -2.66 8.51 -10.36
CA PHE B 215 -2.15 9.82 -9.97
C PHE B 215 -3.12 10.94 -10.35
N HIS B 216 -4.04 10.65 -11.28
CA HIS B 216 -5.03 11.63 -11.71
C HIS B 216 -6.23 11.64 -10.78
N SER B 217 -6.22 10.77 -9.77
CA SER B 217 -7.31 10.68 -8.81
C SER B 217 -7.31 11.87 -7.84
N GLY B 218 -6.14 12.47 -7.64
CA GLY B 218 -6.00 13.55 -6.68
C GLY B 218 -5.40 13.04 -5.39
N ASN B 219 -5.41 11.72 -5.23
CA ASN B 219 -4.85 11.07 -4.06
C ASN B 219 -3.57 10.32 -4.43
N GLN B 220 -2.43 10.92 -4.09
CA GLN B 220 -1.12 10.42 -4.52
C GLN B 220 -0.84 8.97 -4.10
N ILE B 221 -1.55 8.50 -3.08
CA ILE B 221 -1.27 7.18 -2.52
C ILE B 221 -1.52 6.04 -3.50
N TYR B 222 -2.53 6.19 -4.35
CA TYR B 222 -2.85 5.16 -5.34
C TYR B 222 -1.76 5.07 -6.41
N GLY B 223 -1.29 6.22 -6.87
CA GLY B 223 -0.22 6.26 -7.85
C GLY B 223 1.07 5.75 -7.25
N LEU B 224 1.28 6.05 -5.98
CA LEU B 224 2.51 5.72 -5.29
C LEU B 224 2.64 4.22 -5.06
N ILE B 225 1.51 3.55 -4.86
CA ILE B 225 1.50 2.10 -4.72
C ILE B 225 2.02 1.39 -5.96
N PHE B 226 1.59 1.85 -7.13
CA PHE B 226 2.04 1.30 -8.40
C PHE B 226 3.54 1.52 -8.62
N ASN B 227 4.01 2.73 -8.31
CA ASN B 227 5.44 3.03 -8.39
C ASN B 227 6.26 2.07 -7.55
N GLY B 228 5.80 1.82 -6.32
CA GLY B 228 6.48 0.93 -5.40
C GLY B 228 6.53 -0.52 -5.84
N LEU B 229 5.59 -0.90 -6.70
CA LEU B 229 5.45 -2.30 -7.10
C LEU B 229 5.75 -2.52 -8.58
N LYS B 230 6.44 -1.56 -9.20
CA LYS B 230 6.65 -1.59 -10.65
C LYS B 230 7.48 -2.80 -11.11
N LYS B 231 8.49 -3.18 -10.33
CA LYS B 231 9.36 -4.29 -10.71
C LYS B 231 8.62 -5.61 -10.76
N LEU B 232 7.80 -5.88 -9.76
CA LEU B 232 6.98 -7.09 -9.73
C LEU B 232 5.93 -7.00 -10.83
N TYR B 233 5.34 -5.82 -10.95
CA TYR B 233 4.38 -5.51 -12.01
C TYR B 233 4.93 -5.87 -13.38
N ASP B 234 6.18 -5.49 -13.64
CA ASP B 234 6.82 -5.74 -14.92
C ASP B 234 7.05 -7.23 -15.16
N ARG B 235 7.49 -7.95 -14.12
CA ARG B 235 7.71 -9.38 -14.20
C ARG B 235 6.43 -10.16 -14.51
N VAL B 236 5.36 -9.88 -13.77
CA VAL B 236 4.10 -10.59 -13.98
C VAL B 236 3.48 -10.20 -15.32
N GLY B 237 3.53 -8.90 -15.62
CA GLY B 237 2.94 -8.38 -16.84
C GLY B 237 3.60 -8.90 -18.10
N SER B 238 4.93 -8.96 -18.09
CA SER B 238 5.67 -9.46 -19.25
C SER B 238 5.34 -10.93 -19.48
N TYR B 239 5.01 -11.62 -18.39
CA TYR B 239 4.57 -13.01 -18.47
C TYR B 239 3.13 -13.12 -18.94
N TYR B 240 2.25 -12.33 -18.34
CA TYR B 240 0.82 -12.37 -18.65
C TYR B 240 0.51 -11.91 -20.08
N PHE B 241 1.16 -10.82 -20.51
CA PHE B 241 0.87 -10.27 -21.83
C PHE B 241 1.72 -10.90 -22.93
N SER B 242 2.33 -12.05 -22.62
CA SER B 242 3.00 -12.84 -23.64
C SER B 242 1.94 -13.67 -24.37
N ASN B 243 0.75 -13.70 -23.79
CA ASN B 243 -0.42 -14.32 -24.40
C ASN B 243 -1.20 -13.28 -25.19
N PRO B 244 -1.40 -13.54 -26.49
CA PRO B 244 -2.11 -12.61 -27.38
C PRO B 244 -3.52 -12.31 -26.90
N ALA B 245 -4.18 -13.31 -26.32
CA ALA B 245 -5.53 -13.12 -25.80
C ALA B 245 -5.54 -12.12 -24.65
N SER B 246 -4.47 -12.13 -23.86
CA SER B 246 -4.33 -11.21 -22.74
C SER B 246 -4.32 -9.76 -23.24
N ARG B 247 -3.61 -9.53 -24.34
CA ARG B 247 -3.50 -8.21 -24.95
C ARG B 247 -4.81 -7.78 -25.61
N GLU B 248 -5.45 -8.70 -26.32
CA GLU B 248 -6.75 -8.42 -26.93
C GLU B 248 -7.79 -8.03 -25.89
N LEU B 249 -7.83 -8.78 -24.79
CA LEU B 249 -8.80 -8.53 -23.73
C LEU B 249 -8.58 -7.16 -23.10
N ALA B 250 -7.33 -6.86 -22.77
CA ALA B 250 -6.98 -5.59 -22.13
C ALA B 250 -7.31 -4.40 -23.03
N LEU B 251 -6.92 -4.50 -24.30
CA LEU B 251 -7.18 -3.45 -25.28
C LEU B 251 -8.67 -3.15 -25.36
N LYS B 252 -9.47 -4.20 -25.40
CA LYS B 252 -10.93 -4.07 -25.39
C LYS B 252 -11.40 -3.42 -24.10
N PHE B 253 -10.72 -3.75 -23.00
CA PHE B 253 -11.04 -3.19 -21.70
C PHE B 253 -10.71 -1.69 -21.65
N TYR B 254 -9.61 -1.30 -22.26
CA TYR B 254 -9.22 0.10 -22.32
C TYR B 254 -10.30 0.93 -23.02
N HIS B 255 -10.80 0.40 -24.13
CA HIS B 255 -11.87 1.03 -24.88
C HIS B 255 -13.11 1.26 -24.02
N GLN B 256 -13.47 0.23 -23.25
CA GLN B 256 -14.61 0.33 -22.34
C GLN B 256 -14.40 1.44 -21.33
N LEU B 257 -13.17 1.59 -20.86
CA LEU B 257 -12.82 2.66 -19.93
C LEU B 257 -13.00 4.04 -20.56
N LEU B 258 -12.51 4.19 -21.79
CA LEU B 258 -12.63 5.45 -22.52
C LEU B 258 -14.09 5.83 -22.73
N GLU B 259 -14.88 4.88 -23.25
CA GLU B 259 -16.29 5.11 -23.52
C GLU B 259 -17.07 5.39 -22.24
N THR B 260 -16.65 4.75 -21.14
CA THR B 260 -17.28 4.95 -19.85
C THR B 260 -16.99 6.34 -19.29
N CYS B 261 -15.79 6.84 -19.57
CA CYS B 261 -15.37 8.13 -19.06
C CYS B 261 -16.09 9.28 -19.77
N GLU B 262 -16.09 9.23 -21.09
CA GLU B 262 -16.68 10.29 -21.90
C GLU B 262 -18.19 10.33 -21.78
N SER B 263 -18.80 9.19 -21.47
CA SER B 263 -20.24 9.12 -21.28
C SER B 263 -20.64 9.61 -19.88
N GLY B 264 -19.65 9.77 -19.00
CA GLY B 264 -19.91 10.23 -17.65
C GLY B 264 -20.70 9.23 -16.82
N GLN B 265 -20.75 7.99 -17.29
CA GLN B 265 -21.52 6.94 -16.63
C GLN B 265 -20.71 6.29 -15.52
N ARG B 266 -20.62 6.97 -14.38
CA ARG B 266 -19.86 6.48 -13.24
C ARG B 266 -20.27 5.07 -12.78
N GLU B 267 -21.56 4.86 -12.59
CA GLU B 267 -22.08 3.61 -12.02
C GLU B 267 -21.62 2.37 -12.76
N GLN B 268 -21.25 2.53 -14.03
CA GLN B 268 -20.81 1.40 -14.85
C GLN B 268 -19.34 1.03 -14.59
N LEU B 269 -18.60 1.94 -13.99
CA LEU B 269 -17.16 1.75 -13.75
C LEU B 269 -16.82 0.47 -12.98
N PRO B 270 -17.48 0.25 -11.82
CA PRO B 270 -17.21 -0.96 -11.04
C PRO B 270 -17.59 -2.25 -11.76
N VAL B 271 -18.58 -2.15 -12.66
CA VAL B 271 -19.01 -3.29 -13.46
C VAL B 271 -17.98 -3.61 -14.54
N VAL B 272 -17.61 -2.60 -15.31
CA VAL B 272 -16.60 -2.76 -16.34
C VAL B 272 -15.28 -3.32 -15.78
N ILE B 273 -14.84 -2.77 -14.66
CA ILE B 273 -13.58 -3.20 -14.07
C ILE B 273 -13.66 -4.60 -13.46
N ARG B 274 -14.75 -4.90 -12.78
CA ARG B 274 -14.95 -6.23 -12.19
C ARG B 274 -15.18 -7.28 -13.28
N HIS B 275 -15.84 -6.87 -14.36
CA HIS B 275 -16.03 -7.75 -15.50
C HIS B 275 -14.68 -8.14 -16.08
N TYR B 276 -13.86 -7.13 -16.33
CA TYR B 276 -12.50 -7.36 -16.84
C TYR B 276 -11.68 -8.19 -15.87
N GLY B 277 -11.88 -7.96 -14.57
CA GLY B 277 -11.21 -8.75 -13.56
C GLY B 277 -11.57 -10.22 -13.63
N MET B 278 -12.84 -10.48 -13.91
CA MET B 278 -13.34 -11.84 -14.07
C MET B 278 -12.78 -12.50 -15.32
N GLU B 279 -12.88 -11.81 -16.45
CA GLU B 279 -12.43 -12.34 -17.72
C GLU B 279 -10.91 -12.50 -17.77
N SER B 280 -10.19 -11.54 -17.22
CA SER B 280 -8.74 -11.63 -17.15
C SER B 280 -8.33 -12.75 -16.18
N ALA B 281 -9.20 -13.03 -15.23
CA ALA B 281 -8.98 -14.12 -14.27
C ALA B 281 -8.91 -15.48 -14.94
N LEU B 282 -9.85 -15.73 -15.86
CA LEU B 282 -9.90 -17.03 -16.52
C LEU B 282 -8.72 -17.25 -17.47
N ILE B 283 -8.23 -16.17 -18.07
CA ILE B 283 -7.00 -16.25 -18.85
C ILE B 283 -5.81 -16.55 -17.95
N TRP B 284 -5.75 -15.83 -16.83
CA TRP B 284 -4.72 -16.05 -15.82
C TRP B 284 -4.66 -17.49 -15.32
N ASN B 285 -5.83 -18.07 -15.08
CA ASN B 285 -5.90 -19.43 -14.53
C ASN B 285 -5.49 -20.50 -15.55
N GLU B 286 -5.79 -20.27 -16.82
CA GLU B 286 -5.36 -21.19 -17.87
C GLU B 286 -3.84 -21.13 -17.99
N MET B 287 -3.30 -19.93 -17.93
CA MET B 287 -1.85 -19.72 -18.01
C MET B 287 -1.12 -20.16 -16.74
N LYS B 288 -1.85 -20.29 -15.64
CA LYS B 288 -1.24 -20.69 -14.38
C LYS B 288 -0.76 -22.14 -14.48
N LYS B 289 -1.51 -22.93 -15.23
CA LYS B 289 -1.04 -24.24 -15.67
C LYS B 289 0.21 -24.05 -16.54
N GLN B 290 1.13 -25.01 -16.46
CA GLN B 290 2.39 -24.98 -17.21
C GLN B 290 3.49 -24.22 -16.47
N LEU B 291 3.12 -23.52 -15.39
CA LEU B 291 4.12 -22.97 -14.48
C LEU B 291 4.88 -24.11 -13.81
N PRO B 292 6.21 -24.04 -13.81
CA PRO B 292 7.06 -25.13 -13.30
C PRO B 292 6.87 -25.40 -11.81
N THR B 293 6.38 -24.42 -11.07
CA THR B 293 6.12 -24.61 -9.64
C THR B 293 4.63 -24.84 -9.38
C3 PKZ C . -6.81 6.80 13.66
C1 PKZ C . -8.62 8.43 13.21
C10 PKZ C . -2.95 4.60 8.00
C8 PKZ C . -2.41 6.65 9.37
C7 PKZ C . -3.76 7.30 9.74
C5 PKZ C . -5.03 7.16 11.91
C11 PKZ C . -4.30 4.45 7.30
C13 PKZ C . -5.24 3.68 5.08
C16 PKZ C . -4.10 2.73 1.54
C15 PKZ C . -3.94 3.32 2.94
C14 PKZ C . -5.04 2.73 3.87
N1A PKZ C . -11.50 13.20 -4.42
C2A PKZ C . -12.54 12.97 -3.60
N3A PKZ C . -13.80 12.93 -4.04
C4A PKZ C . -14.08 13.13 -5.35
C5A PKZ C . -12.97 13.39 -6.25
C6A PKZ C . -11.70 13.40 -5.73
N6A PKZ C . -10.59 13.65 -6.58
N7A PKZ C . -13.57 13.55 -7.56
C8A PKZ C . -14.91 13.41 -7.41
N9A PKZ C . -15.16 13.17 -6.15
C1B PKZ C . -16.47 12.98 -5.70
C2B PKZ C . -17.00 11.66 -6.11
O2B PKZ C . -17.79 11.82 -7.32
C3B PKZ C . -17.83 11.18 -5.03
O3B PKZ C . -19.23 11.13 -5.48
P3B PKZ C . -20.35 10.53 -4.49
O7A PKZ C . -19.82 9.74 -3.35
O8A PKZ C . -21.21 11.57 -3.84
O9A PKZ C . -21.31 9.62 -5.14
C4B PKZ C . -17.69 12.12 -3.90
O4B PKZ C . -16.55 13.03 -4.22
C5B PKZ C . -17.42 11.39 -2.63
O5B PKZ C . -17.79 12.23 -1.50
P1A PKZ C . -16.86 13.47 -1.13
O1A PKZ C . -17.21 14.04 0.20
O2A PKZ C . -17.15 14.64 -2.01
O3A PKZ C . -15.33 13.04 -1.21
P2A PKZ C . -14.71 11.74 -0.51
O4A PKZ C . -13.77 11.03 -1.40
O5A PKZ C . -15.73 10.68 -0.29
O6A PKZ C . -13.99 12.13 0.88
CBP PKZ C . -14.61 11.88 3.21
CCP PKZ C . -14.78 12.70 1.91
CDP PKZ C . -14.55 12.85 4.40
CEP PKZ C . -15.81 10.92 3.37
CAP PKZ C . -13.30 11.06 3.14
OAP PKZ C . -12.30 11.81 2.51
C9P PKZ C . -12.84 10.71 4.52
O9P PKZ C . -13.45 9.88 5.18
N8P PKZ C . -11.67 11.36 5.08
C7P PKZ C . -11.23 11.05 6.41
C6P PKZ C . -11.74 12.10 7.38
C5P PKZ C . -10.87 12.06 8.64
O5P PKZ C . -9.75 12.55 8.62
N4P PKZ C . -11.36 11.44 9.85
C3P PKZ C . -10.52 11.41 11.04
C2P PKZ C . -10.14 9.96 11.29
S1P PKZ C . -8.59 9.87 12.16
O1 PKZ C . -9.58 7.69 13.20
C2 PKZ C . -7.44 8.12 14.12
C4 PKZ C . -6.52 6.87 12.14
C6 PKZ C . -4.53 6.37 10.67
C9 PKZ C . -2.49 6.08 7.94
C12 PKZ C . -4.18 3.39 6.17
C3 PKZ D . 5.29 -9.76 3.20
C1 PKZ D . 4.75 -10.49 5.55
C10 PKZ D . 3.31 -4.40 0.96
C8 PKZ D . 4.15 -6.31 -0.48
C7 PKZ D . 5.40 -7.17 -0.29
C5 PKZ D . 6.26 -9.19 0.91
C11 PKZ D . 3.58 -2.95 1.40
C13 PKZ D . 3.44 -1.35 3.37
C16 PKZ D . 4.41 1.49 3.19
C15 PKZ D . 3.02 1.14 3.67
C14 PKZ D . 2.51 -0.18 3.00
N1A PKZ D . -7.00 -6.27 24.18
C2A PKZ D . -5.66 -6.38 24.09
N3A PKZ D . -5.08 -7.39 23.43
C4A PKZ D . -5.84 -8.32 22.82
C5A PKZ D . -7.29 -8.22 22.91
C6A PKZ D . -7.82 -7.16 23.60
N6A PKZ D . -9.22 -7.02 23.72
N7A PKZ D . -7.80 -9.36 22.17
C8A PKZ D . -6.73 -10.04 21.70
N9A PKZ D . -5.65 -9.43 22.10
C1B PKZ D . -4.35 -9.88 21.79
C2B PKZ D . -4.20 -11.32 22.07
O2B PKZ D . -3.83 -11.54 23.46
C3B PKZ D . -3.13 -11.73 21.19
O3B PKZ D . -1.85 -11.47 21.87
P3B PKZ D . -0.54 -12.26 21.42
O7A PKZ D . 0.72 -11.50 21.64
O8A PKZ D . -0.51 -12.64 19.99
O9A PKZ D . -0.31 -13.53 22.15
C4B PKZ D . -3.26 -10.91 19.98
O4B PKZ D . -4.06 -9.70 20.34
C5B PKZ D . -3.96 -11.65 18.89
O5B PKZ D . -5.29 -12.05 19.33
P1A PKZ D . -6.44 -12.21 18.23
O1A PKZ D . -7.72 -12.68 18.83
O2A PKZ D . -6.86 -10.89 17.70
O3A PKZ D . -5.96 -13.20 17.07
P2A PKZ D . -6.64 -13.32 15.62
O4A PKZ D . -7.20 -14.68 15.41
O5A PKZ D . -7.87 -12.51 15.54
O6A PKZ D . -5.58 -12.94 14.47
CBP PKZ D . -3.58 -11.71 13.71
CCP PKZ D . -4.31 -12.41 14.87
CDP PKZ D . -2.83 -10.49 14.28
CEP PKZ D . -4.56 -11.22 12.63
CAP PKZ D . -2.53 -12.71 13.13
OAP PKZ D . -3.15 -13.91 12.81
C9P PKZ D . -1.86 -12.14 11.89
O9P PKZ D . -1.16 -11.15 11.97
N8P PKZ D . -2.07 -12.78 10.60
C7P PKZ D . -1.45 -12.24 9.40
C6P PKZ D . 0.01 -12.63 9.28
C5P PKZ D . 0.84 -11.37 8.96
O5P PKZ D . 0.90 -10.49 9.79
N4P PKZ D . 1.54 -11.20 7.71
C3P PKZ D . 1.52 -12.20 6.66
C2P PKZ D . 2.07 -11.60 5.38
S1P PKZ D . 3.81 -11.96 5.22
O1 PKZ D . 4.53 -9.84 6.55
C2 PKZ D . 5.86 -10.04 4.59
C4 PKZ D . 6.29 -8.87 2.42
C6 PKZ D . 5.02 -8.54 0.26
C9 PKZ D . 4.40 -4.84 -0.05
C12 PKZ D . 2.90 -2.68 2.76
H1 PKZ D . 4.44 -9.31 3.27
H2 PKZ D . 5.17 -10.60 2.72
H3 PKZ D . 2.43 -4.45 0.53
H4 PKZ D . 3.33 -4.98 1.74
H5 PKZ D . 3.88 -6.32 -1.42
H6 PKZ D . 3.42 -6.67 0.06
H7 PKZ D . 6.00 -6.73 0.34
H8 PKZ D . 5.85 -7.27 -1.15
H9 PKZ D . 6.22 -10.16 0.79
H10 PKZ D . 7.07 -8.85 0.49
H11 PKZ D . 4.54 -2.81 1.49
H12 PKZ D . 3.22 -2.34 0.73
H13 PKZ D . 3.51 -1.43 4.34
H14 PKZ D . 4.33 -1.18 3.00
H15 PKZ D . 4.66 0.90 2.44
H16 PKZ D . 5.05 1.39 3.92
H17 PKZ D . 4.43 2.42 2.87
H18 PKZ D . 2.41 1.87 3.45
H19 PKZ D . 3.03 1.02 4.64
H20 PKZ D . 1.60 -0.37 3.33
H21 PKZ D . 2.49 -0.06 2.03
H22 PKZ D . -5.09 -5.70 24.53
H23 PKZ D . -9.60 -6.19 23.63
H24 PKZ D . -9.74 -7.75 23.87
H25 PKZ D . -6.76 -10.86 21.17
H26 PKZ D . -3.71 -9.38 22.31
H27 PKZ D . -5.02 -11.80 21.85
H28 PKZ D . -4.11 -10.86 23.94
H29 PKZ D . -3.21 -12.68 20.97
H32 PKZ D . -2.38 -10.64 19.67
H33 PKZ D . -4.04 -11.08 18.09
H34 PKZ D . -3.45 -12.45 18.67
H37 PKZ D . -3.77 -13.14 15.22
H38 PKZ D . -4.46 -11.75 15.60
H39 PKZ D . -1.92 -10.76 14.54
H40 PKZ D . -2.77 -9.80 13.58
H41 PKZ D . -3.30 -10.14 15.06
H42 PKZ D . -5.06 -10.45 12.97
H43 PKZ D . -4.07 -10.97 11.82
H44 PKZ D . -5.20 -11.95 12.41
H45 PKZ D . -1.84 -12.88 13.81
H46 PKZ D . -2.81 -14.57 13.30
H47 PKZ D . -2.59 -13.52 10.54
H48 PKZ D . -1.51 -11.28 9.43
H49 PKZ D . -1.93 -12.58 8.63
H50 PKZ D . 0.12 -13.29 8.56
H51 PKZ D . 0.32 -13.02 10.13
H52 PKZ D . 2.02 -10.42 7.57
H53 PKZ D . 2.07 -12.95 6.92
H54 PKZ D . 0.58 -12.50 6.51
H55 PKZ D . 1.59 -11.96 4.62
H56 PKZ D . 1.94 -10.62 5.40
H57 PKZ D . 6.27 -9.20 4.94
H58 PKZ D . 6.54 -10.73 4.54
H59 PKZ D . 6.04 -7.93 2.55
H60 PKZ D . 7.20 -9.01 2.76
H61 PKZ D . 4.32 -8.44 0.92
H62 PKZ D . 4.71 -9.11 -0.49
H63 PKZ D . 5.29 -4.78 0.37
H64 PKZ D . 4.37 -4.27 -0.84
H65 PKZ D . 3.08 -3.41 3.38
H66 PKZ D . 1.93 -2.60 2.64
C3 PKZ E . -0.28 -6.70 -15.56
C1 PKZ E . -2.18 -8.31 -15.74
C10 PKZ E . 1.41 -5.31 -8.70
C8 PKZ E . 1.14 -7.68 -9.50
C7 PKZ E . 1.23 -8.03 -10.99
C5 PKZ E . 0.56 -7.38 -13.30
C11 PKZ E . 0.71 -3.95 -8.59
C13 PKZ E . -1.54 -3.08 -7.82
C16 PKZ E . -4.29 -1.25 -6.19
C15 PKZ E . -2.79 -1.43 -6.38
C14 PKZ E . -2.47 -2.94 -6.60
N1A PKZ E . -17.79 -13.80 -0.34
C2A PKZ E . -18.65 -14.24 -1.28
N3A PKZ E . -19.23 -13.41 -2.14
C4A PKZ E . -18.97 -12.09 -2.10
C5A PKZ E . -18.04 -11.59 -1.10
C6A PKZ E . -17.48 -12.50 -0.24
N6A PKZ E . -16.56 -12.08 0.75
N7A PKZ E . -17.98 -10.16 -1.31
C8A PKZ E . -18.80 -9.86 -2.36
N9A PKZ E . -19.34 -10.99 -2.77
C1B PKZ E . -20.25 -11.05 -3.82
C2B PKZ E . -20.22 -9.79 -4.59
O2B PKZ E . -21.58 -9.36 -4.87
C3B PKZ E . -19.50 -10.05 -5.82
O3B PKZ E . -20.41 -9.94 -6.96
P3B PKZ E . -20.66 -8.51 -7.64
O7A PKZ E . -20.18 -8.40 -9.05
O8A PKZ E . -22.10 -8.12 -7.73
O9A PKZ E . -20.02 -7.38 -6.94
C4B PKZ E . -18.97 -11.42 -5.73
O4B PKZ E . -19.84 -12.13 -4.75
C5B PKZ E . -17.57 -11.41 -5.21
O5B PKZ E . -16.67 -11.94 -6.21
P1A PKZ E . -15.75 -13.19 -5.82
O1A PKZ E . -15.82 -14.26 -6.86
O2A PKZ E . -16.29 -13.91 -4.64
O3A PKZ E . -14.24 -12.74 -5.58
P2A PKZ E . -13.67 -11.26 -5.87
O4A PKZ E . -12.34 -11.06 -5.25
O5A PKZ E . -14.46 -10.24 -5.16
O6A PKZ E . -13.63 -10.98 -7.45
CBP PKZ E . -12.15 -11.28 -9.34
CCP PKZ E . -13.05 -11.97 -8.30
CDP PKZ E . -11.67 -12.32 -10.37
CEP PKZ E . -12.96 -10.18 -10.07
CAP PKZ E . -10.93 -10.64 -8.63
OAP PKZ E . -10.40 -11.54 -7.72
C9P PKZ E . -9.87 -10.27 -9.64
O9P PKZ E . -10.08 -9.41 -10.47
N8P PKZ E . -8.59 -10.95 -9.62
C7P PKZ E . -7.57 -10.61 -10.58
C6P PKZ E . -7.80 -11.42 -11.83
C5P PKZ E . -6.46 -11.61 -12.55
O5P PKZ E . -5.58 -12.24 -12.02
N4P PKZ E . -6.25 -11.05 -13.86
C3P PKZ E . -4.97 -11.23 -14.53
C2P PKZ E . -4.47 -9.88 -14.99
S1P PKZ E . -2.70 -9.82 -14.95
O1 PKZ E . -3.00 -7.46 -16.00
C2 PKZ E . -0.71 -8.08 -16.09
C4 PKZ E . -0.57 -6.63 -14.05
C6 PKZ E . 0.59 -6.93 -11.82
C9 PKZ E . 0.44 -6.31 -9.35
C12 PKZ E . -0.37 -4.03 -7.47
C3 PKZ F . 6.68 9.77 0.90
C1 PKZ F . 7.41 10.74 -1.31
C10 PKZ F . 3.66 3.70 0.20
C8 PKZ F . 3.30 5.20 2.23
C7 PKZ F . 4.59 5.94 2.62
C5 PKZ F . 5.56 8.25 2.61
C11 PKZ F . 4.68 3.87 -0.94
C13 PKZ F . 5.05 1.35 -1.27
C16 PKZ F . 6.29 -1.53 -1.47
C15 PKZ F . 4.82 -1.17 -1.31
C14 PKZ F . 4.50 0.16 -2.07
N1A PKZ F . 4.28 6.17 -24.88
C2A PKZ F . 5.42 6.17 -24.18
N3A PKZ F . 5.73 7.14 -23.32
C4A PKZ F . 4.88 8.18 -23.15
C5A PKZ F . 3.64 8.21 -23.91
C6A PKZ F . 3.40 7.15 -24.76
N6A PKZ F . 2.21 7.13 -25.53
N7A PKZ F . 2.98 9.43 -23.50
C8A PKZ F . 3.77 10.05 -22.59
N9A PKZ F . 4.85 9.30 -22.43
C1B PKZ F . 5.90 9.62 -21.56
C2B PKZ F . 6.40 10.99 -21.82
O2B PKZ F . 7.34 10.99 -22.93
C3B PKZ F . 7.06 11.37 -20.60
O3B PKZ F . 8.47 10.96 -20.67
P3B PKZ F . 9.56 11.73 -19.78
O7A PKZ F . 10.62 10.85 -19.24
O8A PKZ F . 8.99 12.41 -18.58
O9A PKZ F . 10.29 12.80 -20.50
C4B PKZ F . 6.36 10.64 -19.52
O4B PKZ F . 5.49 9.61 -20.14
C5B PKZ F . 5.53 11.59 -18.74
O5B PKZ F . 4.45 12.05 -19.58
P1A PKZ F . 2.96 11.85 -19.06
O1A PKZ F . 1.95 12.37 -20.02
O2A PKZ F . 2.60 10.40 -19.03
O3A PKZ F . 2.84 12.52 -17.62
P2A PKZ F . 1.47 12.90 -16.87
O4A PKZ F . 1.00 14.25 -17.24
O5A PKZ F . 0.35 12.06 -17.30
O6A PKZ F . 1.73 12.77 -15.28
CBP PKZ F . 2.80 11.55 -13.41
CCP PKZ F . 2.81 11.91 -14.91
CDP PKZ F . 3.32 10.11 -13.25
CEP PKZ F . 1.34 11.53 -12.86
CAP PKZ F . 3.61 12.65 -12.61
OAP PKZ F . 2.72 13.51 -11.98
C9P PKZ F . 4.56 12.09 -11.57
O9P PKZ F . 5.64 11.66 -11.94
N8P PKZ F . 4.25 12.08 -10.15
C7P PKZ F . 5.25 11.53 -9.25
C6P PKZ F . 4.89 11.58 -7.78
C5P PKZ F . 6.02 10.92 -6.99
O5P PKZ F . 6.80 10.18 -7.57
N4P PKZ F . 6.20 11.12 -5.57
C3P PKZ F . 5.31 11.97 -4.80
C2P PKZ F . 5.78 12.03 -3.36
S1P PKZ F . 6.80 10.63 -2.98
O1 PKZ F . 8.60 10.72 -1.09
C2 PKZ F . 6.41 10.85 -0.14
C4 PKZ F . 5.33 9.29 1.49
C6 PKZ F . 4.30 7.42 2.84
C9 PKZ F . 3.19 5.10 0.70
C12 PKZ F . 4.58 2.67 -1.94
H1 PKZ F . 7.24 10.14 1.62
H2 PKZ F . 7.13 9.01 0.49
H3 PKZ F . 4.07 3.21 0.94
H4 PKZ F . 2.89 3.20 -0.13
H5 PKZ F . 3.30 4.30 2.63
H6 PKZ F . 2.52 5.69 2.57
H7 PKZ F . 5.25 5.84 1.91
H8 PKZ F . 4.94 5.56 3.45
H9 PKZ F . 5.80 8.72 3.44
H10 PKZ F . 6.31 7.67 2.35
H11 PKZ F . 4.51 4.69 -1.42
H12 PKZ F . 5.59 3.89 -0.56
H13 PKZ F . 6.03 1.33 -1.26
H14 PKZ F . 4.71 1.31 -0.35
H15 PKZ F . 6.76 -0.79 -1.91
H16 PKZ F . 6.38 -2.33 -2.02
H17 PKZ F . 6.69 -1.69 -0.59
H18 PKZ F . 4.63 -1.05 -0.36
H19 PKZ F . 4.28 -1.88 -1.66
H20 PKZ F . 4.93 0.13 -2.96
H21 PKZ F . 3.54 0.24 -2.18
H22 PKZ F . 6.05 5.41 -24.28
H23 PKZ F . 1.53 6.55 -25.30
H24 PKZ F . 2.11 7.69 -26.25
H25 PKZ F . 3.59 10.89 -22.15
H26 PKZ F . 6.63 8.98 -21.70
H27 PKZ F . 5.65 11.59 -22.01
H28 PKZ F . 7.99 11.55 -22.76
H29 PKZ F . 7.00 12.33 -20.46
H32 PKZ F . 7.02 10.21 -18.93
H33 PKZ F . 5.15 11.13 -17.95
H34 PKZ F . 6.06 12.34 -18.45
H37 PKZ F . 3.66 12.35 -15.12
H38 PKZ F . 2.75 11.08 -15.43
H39 PKZ F . 3.17 9.62 -14.08
H40 PKZ F . 4.28 10.14 -13.06
H41 PKZ F . 2.85 9.67 -12.51
H42 PKZ F . 1.36 11.52 -11.88
H43 PKZ F . 0.86 12.31 -13.19
H44 PKZ F . 0.90 10.70 -13.19
H45 PKZ F . 4.13 13.16 -13.26
H46 PKZ F . 2.58 14.21 -12.50
H47 PKZ F . 3.45 12.39 -9.82
H48 PKZ F . 6.09 12.04 -9.38
H49 PKZ F . 5.42 10.61 -9.49
H50 PKZ F . 4.05 11.10 -7.63
H51 PKZ F . 4.78 12.52 -7.49
H52 PKZ F . 6.90 10.70 -5.13
H53 PKZ F . 5.32 12.87 -5.19
H54 PKZ F . 4.40 11.60 -4.85
H55 PKZ F . 6.28 12.84 -3.22
H56 PKZ F . 4.99 12.03 -2.76
H57 PKZ F . 6.51 11.74 0.28
H58 PKZ F . 5.51 10.76 -0.49
H59 PKZ F . 4.85 10.07 1.86
H60 PKZ F . 4.79 8.89 0.78
H61 PKZ F . 3.60 7.71 2.20
H62 PKZ F . 3.97 7.55 3.75
H63 PKZ F . 2.27 5.25 0.43
H64 PKZ F . 3.77 5.78 0.29
H65 PKZ F . 5.13 2.85 -2.71
H66 PKZ F . 3.64 2.57 -2.22
#